data_7OBZ
#
_entry.id   7OBZ
#
_cell.length_a   90.960
_cell.length_b   65.800
_cell.length_c   122.720
_cell.angle_alpha   90.000
_cell.angle_beta   94.000
_cell.angle_gamma   90.000
#
_symmetry.space_group_name_H-M   'P 1 21 1'
#
loop_
_entity.id
_entity.type
_entity.pdbx_description
1 polymer 'LOV protein'
2 non-polymer 'FLAVIN MONONUCLEOTIDE'
3 non-polymer 'CHLORIDE ION'
4 non-polymer SPERMIDINE
5 non-polymer 'SODIUM ION'
6 water water
#
_entity_poly.entity_id   1
_entity_poly.type   'polypeptide(L)'
_entity_poly.pdbx_seq_one_letter_code
;MDQKQFEKIRAVFDRSGVALTLVDMSLPEQPLVLANPPFLRMTGYTEGQILGFNCRFLQRGDENAQARADIRDALKLGRE
LQVVLRNYRANDEPFDNLLFLHPVGGRPGAPDYFLGSQFELGRSGNSEEAAAAGHAGALTGELARIGTVAARLEMDSRRH
LAQAAAALVRAWERRG
;
_entity_poly.pdbx_strand_id   A,B,C,D,E,F
#
loop_
_chem_comp.id
_chem_comp.type
_chem_comp.name
_chem_comp.formula
CL non-polymer 'CHLORIDE ION' 'Cl -1'
FMN non-polymer 'FLAVIN MONONUCLEOTIDE' 'C17 H21 N4 O9 P'
NA non-polymer 'SODIUM ION' 'Na 1'
SPD non-polymer SPERMIDINE 'C7 H19 N3'
#
# COMPACT_ATOMS: atom_id res chain seq x y z
N MET A 1 -10.28 -31.53 12.49
CA MET A 1 -10.03 -30.38 13.36
C MET A 1 -9.88 -30.76 14.84
N ASP A 2 -8.93 -30.10 15.50
CA ASP A 2 -8.70 -30.27 16.93
C ASP A 2 -9.94 -29.93 17.74
N GLN A 3 -10.08 -30.62 18.87
CA GLN A 3 -11.07 -30.26 19.88
C GLN A 3 -10.84 -28.84 20.39
N LYS A 4 -9.56 -28.44 20.53
CA LYS A 4 -9.26 -27.10 21.03
C LYS A 4 -9.67 -26.03 20.04
N GLN A 5 -9.43 -26.29 18.74
CA GLN A 5 -9.89 -25.39 17.68
C GLN A 5 -11.41 -25.30 17.62
N PHE A 6 -12.11 -26.43 17.82
CA PHE A 6 -13.57 -26.37 17.79
C PHE A 6 -14.08 -25.53 18.94
N GLU A 7 -13.51 -25.72 20.14
CA GLU A 7 -13.94 -24.93 21.29
C GLU A 7 -13.71 -23.45 21.06
N LYS A 8 -12.62 -23.09 20.39
CA LYS A 8 -12.38 -21.69 20.07
C LYS A 8 -13.47 -21.13 19.15
N ILE A 9 -13.86 -21.89 18.11
CA ILE A 9 -14.95 -21.46 17.24
C ILE A 9 -16.23 -21.27 18.05
N ARG A 10 -16.53 -22.23 18.95
CA ARG A 10 -17.74 -22.10 19.77
CA ARG A 10 -17.72 -22.13 19.80
C ARG A 10 -17.72 -20.82 20.60
N ALA A 11 -16.57 -20.48 21.19
CA ALA A 11 -16.47 -19.25 21.99
C ALA A 11 -16.63 -17.99 21.13
N VAL A 12 -16.02 -17.98 19.94
CA VAL A 12 -16.26 -16.86 19.02
C VAL A 12 -17.74 -16.76 18.65
N PHE A 13 -18.37 -17.90 18.32
CA PHE A 13 -19.79 -17.85 17.94
C PHE A 13 -20.64 -17.26 19.05
N ASP A 14 -20.42 -17.72 20.29
CA ASP A 14 -21.30 -17.32 21.39
CA ASP A 14 -21.29 -17.32 21.40
C ASP A 14 -21.19 -15.84 21.71
N ARG A 15 -20.02 -15.21 21.52
CA ARG A 15 -19.92 -13.80 21.84
CA ARG A 15 -19.82 -13.80 21.81
C ARG A 15 -20.13 -12.88 20.64
N SER A 16 -20.15 -13.39 19.42
CA SER A 16 -20.23 -12.52 18.25
C SER A 16 -21.54 -11.74 18.15
N GLY A 17 -21.46 -10.59 17.49
CA GLY A 17 -22.62 -9.77 17.23
C GLY A 17 -23.21 -9.92 15.83
N VAL A 18 -22.56 -10.73 14.98
CA VAL A 18 -23.15 -11.12 13.70
C VAL A 18 -23.65 -12.55 13.81
N ALA A 19 -24.67 -12.85 13.02
CA ALA A 19 -25.17 -14.22 12.94
C ALA A 19 -24.10 -15.14 12.37
N LEU A 20 -23.91 -16.29 13.02
CA LEU A 20 -22.94 -17.30 12.61
C LEU A 20 -23.53 -18.71 12.73
N THR A 21 -23.28 -19.51 11.70
CA THR A 21 -23.63 -20.92 11.70
C THR A 21 -22.42 -21.74 11.26
N LEU A 22 -22.36 -22.96 11.78
CA LEU A 22 -21.33 -23.93 11.43
C LEU A 22 -22.01 -25.22 11.01
N VAL A 23 -21.56 -25.78 9.89
CA VAL A 23 -22.16 -26.98 9.29
C VAL A 23 -21.07 -28.03 9.16
N ASP A 24 -21.38 -29.26 9.61
CA ASP A 24 -20.49 -30.42 9.51
C ASP A 24 -20.47 -30.95 8.08
N MET A 25 -19.31 -30.82 7.44
CA MET A 25 -19.14 -31.19 6.05
C MET A 25 -18.79 -32.67 5.86
N SER A 26 -18.52 -33.37 6.96
CA SER A 26 -18.18 -34.78 6.90
C SER A 26 -19.40 -35.69 6.80
N LEU A 27 -20.62 -35.13 6.87
CA LEU A 27 -21.84 -35.88 6.62
C LEU A 27 -22.50 -35.32 5.36
N PRO A 28 -23.06 -36.17 4.50
CA PRO A 28 -23.61 -35.65 3.25
C PRO A 28 -24.85 -34.80 3.48
N GLU A 29 -25.59 -35.08 4.56
CA GLU A 29 -26.73 -34.25 4.93
C GLU A 29 -26.31 -32.83 5.29
N GLN A 30 -25.06 -32.64 5.73
CA GLN A 30 -24.54 -31.32 6.06
C GLN A 30 -25.38 -30.58 7.10
N PRO A 31 -25.44 -31.10 8.32
CA PRO A 31 -26.22 -30.45 9.37
C PRO A 31 -25.56 -29.25 10.06
N LEU A 32 -26.42 -28.36 10.52
CA LEU A 32 -26.03 -27.36 11.51
C LEU A 32 -25.51 -28.02 12.76
N VAL A 33 -24.27 -27.73 13.14
CA VAL A 33 -23.75 -28.11 14.45
C VAL A 33 -23.58 -26.92 15.38
N LEU A 34 -23.60 -25.70 14.86
CA LEU A 34 -23.57 -24.50 15.68
C LEU A 34 -24.50 -23.46 15.09
N ALA A 35 -25.13 -22.67 15.95
CA ALA A 35 -26.00 -21.57 15.50
C ALA A 35 -26.11 -20.59 16.64
N ASN A 36 -25.62 -19.36 16.45
CA ASN A 36 -25.37 -18.48 17.57
C ASN A 36 -26.58 -17.59 17.83
N PRO A 37 -26.58 -16.82 18.92
CA PRO A 37 -27.79 -16.07 19.29
C PRO A 37 -28.31 -15.14 18.22
N PRO A 38 -27.46 -14.30 17.57
CA PRO A 38 -28.05 -13.41 16.54
C PRO A 38 -28.70 -14.17 15.41
N PHE A 39 -28.16 -15.33 15.01
CA PHE A 39 -28.83 -16.14 14.02
C PHE A 39 -30.20 -16.61 14.52
N LEU A 40 -30.26 -17.10 15.76
CA LEU A 40 -31.53 -17.54 16.32
C LEU A 40 -32.50 -16.38 16.42
N ARG A 41 -32.00 -15.23 16.86
CA ARG A 41 -32.83 -14.04 16.97
C ARG A 41 -33.32 -13.57 15.60
N MET A 42 -32.59 -13.87 14.52
CA MET A 42 -33.09 -13.37 13.25
C MET A 42 -34.07 -14.33 12.60
N THR A 43 -33.84 -15.64 12.76
CA THR A 43 -34.73 -16.65 12.18
C THR A 43 -35.93 -16.93 13.05
N GLY A 44 -35.82 -16.79 14.37
CA GLY A 44 -36.94 -17.03 15.26
C GLY A 44 -37.06 -18.45 15.80
N TYR A 45 -36.19 -19.36 15.39
CA TYR A 45 -36.16 -20.72 15.91
C TYR A 45 -35.27 -20.80 17.14
N THR A 46 -35.47 -21.87 17.90
CA THR A 46 -34.59 -22.18 19.02
C THR A 46 -33.44 -23.03 18.55
N GLU A 47 -32.40 -23.06 19.39
CA GLU A 47 -31.24 -23.88 19.12
C GLU A 47 -31.63 -25.34 18.96
N GLY A 48 -32.42 -25.86 19.93
CA GLY A 48 -32.75 -27.27 19.92
C GLY A 48 -33.55 -27.72 18.71
N GLN A 49 -34.40 -26.83 18.18
CA GLN A 49 -35.19 -27.32 17.05
C GLN A 49 -34.44 -27.36 15.73
N ILE A 50 -33.26 -26.74 15.59
CA ILE A 50 -32.61 -26.68 14.29
C ILE A 50 -31.27 -27.40 14.23
N LEU A 51 -30.56 -27.59 15.34
CA LEU A 51 -29.29 -28.29 15.24
C LEU A 51 -29.50 -29.70 14.70
N GLY A 52 -28.64 -30.11 13.79
CA GLY A 52 -28.80 -31.41 13.18
C GLY A 52 -29.65 -31.39 11.93
N PHE A 53 -30.26 -30.26 11.61
CA PHE A 53 -30.91 -30.08 10.33
C PHE A 53 -29.99 -29.32 9.39
N ASN A 54 -30.19 -29.57 8.10
CA ASN A 54 -29.61 -28.75 7.06
C ASN A 54 -30.27 -27.37 7.05
N CYS A 55 -29.47 -26.34 6.78
CA CYS A 55 -29.93 -24.95 6.80
CA CYS A 55 -29.95 -24.95 6.82
C CYS A 55 -30.99 -24.65 5.76
N ARG A 56 -31.20 -25.52 4.78
CA ARG A 56 -32.25 -25.26 3.80
C ARG A 56 -33.66 -25.21 4.39
N PHE A 57 -33.85 -25.48 5.69
CA PHE A 57 -35.20 -25.37 6.26
C PHE A 57 -35.69 -23.93 6.27
N LEU A 58 -34.77 -22.96 6.10
CA LEU A 58 -35.16 -21.56 6.04
C LEU A 58 -35.85 -21.20 4.75
N GLN A 59 -35.79 -22.07 3.74
CA GLN A 59 -36.40 -21.86 2.44
C GLN A 59 -37.70 -22.67 2.31
N ARG A 60 -38.50 -22.30 1.32
CA ARG A 60 -39.69 -23.04 0.92
CA ARG A 60 -39.68 -23.06 0.93
C ARG A 60 -39.52 -23.55 -0.51
N GLY A 61 -40.09 -24.73 -0.77
CA GLY A 61 -40.20 -25.27 -2.13
C GLY A 61 -38.90 -25.37 -2.91
N ASP A 62 -38.96 -24.94 -4.17
CA ASP A 62 -37.82 -24.93 -5.09
C ASP A 62 -37.38 -23.50 -5.40
N GLU A 63 -37.57 -22.59 -4.47
CA GLU A 63 -37.08 -21.23 -4.62
C GLU A 63 -35.56 -21.21 -4.50
N ASN A 64 -34.95 -20.14 -5.04
CA ASN A 64 -33.49 -19.95 -5.01
C ASN A 64 -32.76 -21.04 -5.81
N ALA A 65 -33.42 -21.53 -6.86
CA ALA A 65 -32.85 -22.62 -7.66
C ALA A 65 -31.43 -22.30 -8.17
N GLN A 66 -31.24 -21.11 -8.75
CA GLN A 66 -29.92 -20.80 -9.28
C GLN A 66 -28.91 -20.57 -8.17
N ALA A 67 -29.28 -19.77 -7.18
CA ALA A 67 -28.38 -19.52 -6.06
C ALA A 67 -28.04 -20.80 -5.33
N ARG A 68 -29.01 -21.74 -5.23
CA ARG A 68 -28.75 -23.02 -4.57
C ARG A 68 -27.75 -23.84 -5.37
N ALA A 69 -27.86 -23.83 -6.69
CA ALA A 69 -26.86 -24.49 -7.51
C ALA A 69 -25.48 -23.85 -7.31
N ASP A 70 -25.43 -22.53 -7.13
CA ASP A 70 -24.14 -21.90 -6.87
C ASP A 70 -23.60 -22.35 -5.52
N ILE A 71 -24.47 -22.46 -4.50
CA ILE A 71 -24.03 -22.92 -3.19
C ILE A 71 -23.48 -24.33 -3.27
N ARG A 72 -24.21 -25.23 -3.96
CA ARG A 72 -23.78 -26.63 -4.00
C ARG A 72 -22.40 -26.77 -4.63
N ASP A 73 -22.12 -26.02 -5.69
CA ASP A 73 -20.79 -26.08 -6.30
CA ASP A 73 -20.79 -26.07 -6.29
C ASP A 73 -19.74 -25.54 -5.33
N ALA A 74 -19.99 -24.38 -4.73
CA ALA A 74 -19.00 -23.79 -3.85
C ALA A 74 -18.76 -24.68 -2.63
N LEU A 75 -19.77 -25.42 -2.18
CA LEU A 75 -19.55 -26.31 -1.04
C LEU A 75 -18.71 -27.50 -1.45
N LYS A 76 -19.03 -28.08 -2.60
CA LYS A 76 -18.27 -29.22 -3.10
C LYS A 76 -16.81 -28.83 -3.35
N LEU A 77 -16.59 -27.66 -3.94
CA LEU A 77 -15.24 -27.21 -4.28
C LEU A 77 -14.48 -26.65 -3.08
N GLY A 78 -15.16 -26.39 -1.97
CA GLY A 78 -14.55 -25.72 -0.83
C GLY A 78 -14.25 -24.26 -1.07
N ARG A 79 -15.20 -23.53 -1.67
CA ARG A 79 -14.96 -22.14 -2.03
C ARG A 79 -15.84 -21.23 -1.18
N GLU A 80 -15.31 -20.06 -0.89
CA GLU A 80 -16.10 -18.95 -0.37
C GLU A 80 -17.14 -18.54 -1.39
N LEU A 81 -18.25 -18.01 -0.88
CA LEU A 81 -19.35 -17.61 -1.75
C LEU A 81 -20.24 -16.66 -0.96
N GLN A 82 -20.67 -15.58 -1.60
CA GLN A 82 -21.70 -14.70 -1.05
C GLN A 82 -22.89 -14.70 -1.99
N VAL A 83 -24.10 -14.81 -1.44
CA VAL A 83 -25.29 -14.96 -2.28
C VAL A 83 -26.55 -14.62 -1.47
N VAL A 84 -27.56 -14.11 -2.15
CA VAL A 84 -28.80 -13.66 -1.52
C VAL A 84 -29.84 -14.76 -1.67
N LEU A 85 -30.43 -15.18 -0.55
CA LEU A 85 -31.51 -16.17 -0.56
C LEU A 85 -32.80 -15.57 -0.03
N ARG A 86 -33.92 -15.91 -0.66
CA ARG A 86 -35.22 -15.78 -0.02
C ARG A 86 -35.35 -16.80 1.12
N ASN A 87 -35.66 -16.31 2.31
CA ASN A 87 -35.78 -17.15 3.50
C ASN A 87 -37.03 -16.73 4.26
N TYR A 88 -37.40 -17.55 5.25
CA TYR A 88 -38.55 -17.30 6.09
C TYR A 88 -38.19 -17.48 7.56
N ARG A 89 -38.64 -16.56 8.40
CA ARG A 89 -38.54 -16.74 9.84
C ARG A 89 -39.46 -17.90 10.28
N ALA A 90 -39.33 -18.28 11.56
CA ALA A 90 -40.13 -19.37 12.11
C ALA A 90 -41.62 -19.09 12.02
N ASN A 91 -42.00 -17.81 12.01
CA ASN A 91 -43.39 -17.38 11.86
C ASN A 91 -43.79 -17.16 10.40
N ASP A 92 -42.97 -17.62 9.44
CA ASP A 92 -43.22 -17.58 8.01
C ASP A 92 -43.15 -16.16 7.43
N GLU A 93 -42.72 -15.17 8.20
CA GLU A 93 -42.33 -13.88 7.64
C GLU A 93 -41.19 -14.11 6.64
N PRO A 94 -41.26 -13.51 5.46
CA PRO A 94 -40.16 -13.67 4.50
C PRO A 94 -39.11 -12.58 4.66
N PHE A 95 -37.87 -12.96 4.38
CA PHE A 95 -36.79 -11.98 4.39
C PHE A 95 -35.73 -12.40 3.39
N ASP A 96 -35.02 -11.42 2.86
CA ASP A 96 -33.89 -11.69 1.98
C ASP A 96 -32.61 -11.76 2.80
N ASN A 97 -31.84 -12.82 2.56
CA ASN A 97 -30.70 -13.20 3.38
C ASN A 97 -29.47 -13.11 2.49
N LEU A 98 -28.61 -12.14 2.77
CA LEU A 98 -27.27 -12.11 2.17
C LEU A 98 -26.41 -13.09 2.95
N LEU A 99 -26.16 -14.27 2.37
CA LEU A 99 -25.43 -15.33 3.05
C LEU A 99 -23.96 -15.31 2.66
N PHE A 100 -23.09 -15.37 3.65
CA PHE A 100 -21.66 -15.47 3.44
C PHE A 100 -21.24 -16.90 3.80
N LEU A 101 -20.61 -17.59 2.86
CA LEU A 101 -20.13 -18.96 3.10
C LEU A 101 -18.59 -18.96 3.16
N HIS A 102 -18.00 -19.60 4.20
CA HIS A 102 -16.55 -19.69 4.35
CA HIS A 102 -16.53 -19.70 4.30
C HIS A 102 -16.12 -21.10 4.73
N PRO A 103 -15.23 -21.75 3.95
CA PRO A 103 -14.74 -23.06 4.36
C PRO A 103 -13.86 -22.99 5.60
N VAL A 104 -14.00 -24.00 6.46
CA VAL A 104 -13.28 -24.01 7.73
C VAL A 104 -12.56 -25.35 7.90
N GLY A 105 -11.26 -25.28 8.15
CA GLY A 105 -10.54 -26.49 8.53
C GLY A 105 -10.31 -27.43 7.35
N GLY A 106 -9.80 -28.61 7.67
CA GLY A 106 -9.53 -29.58 6.62
C GLY A 106 -8.46 -29.12 5.64
N ARG A 107 -8.58 -29.59 4.41
CA ARG A 107 -7.70 -29.31 3.28
C ARG A 107 -8.43 -28.51 2.22
N PRO A 108 -7.69 -27.98 1.23
CA PRO A 108 -8.34 -27.28 0.12
C PRO A 108 -9.20 -28.23 -0.67
N GLY A 109 -10.38 -27.76 -1.06
CA GLY A 109 -11.36 -28.62 -1.70
C GLY A 109 -12.05 -29.61 -0.77
N ALA A 110 -11.65 -29.70 0.49
CA ALA A 110 -12.16 -30.68 1.42
C ALA A 110 -12.18 -30.12 2.84
N PRO A 111 -12.95 -29.07 3.10
CA PRO A 111 -12.98 -28.51 4.46
C PRO A 111 -13.73 -29.40 5.45
N ASP A 112 -13.34 -29.30 6.74
CA ASP A 112 -14.06 -30.04 7.79
C ASP A 112 -15.46 -29.48 8.01
N TYR A 113 -15.57 -28.14 8.04
CA TYR A 113 -16.83 -27.46 8.30
C TYR A 113 -17.01 -26.33 7.31
N PHE A 114 -18.26 -25.91 7.12
CA PHE A 114 -18.49 -24.65 6.47
C PHE A 114 -19.08 -23.67 7.48
N LEU A 115 -18.63 -22.42 7.37
CA LEU A 115 -19.15 -21.35 8.21
C LEU A 115 -20.13 -20.57 7.36
N GLY A 116 -21.21 -20.11 7.97
CA GLY A 116 -22.18 -19.29 7.28
C GLY A 116 -22.57 -18.13 8.16
N SER A 117 -22.84 -16.99 7.54
CA SER A 117 -23.13 -15.77 8.26
C SER A 117 -24.18 -15.01 7.47
N GLN A 118 -25.21 -14.54 8.15
CA GLN A 118 -26.44 -14.09 7.49
C GLN A 118 -26.64 -12.61 7.77
N PHE A 119 -26.74 -11.81 6.70
CA PHE A 119 -27.06 -10.39 6.82
C PHE A 119 -28.46 -10.19 6.26
N GLU A 120 -29.33 -9.60 7.08
CA GLU A 120 -30.72 -9.41 6.70
C GLU A 120 -30.84 -8.11 5.90
N LEU A 121 -31.16 -8.25 4.62
CA LEU A 121 -31.52 -7.10 3.80
C LEU A 121 -32.87 -6.55 4.23
N GLY A 122 -33.19 -5.36 3.70
CA GLY A 122 -34.47 -4.74 3.93
C GLY A 122 -34.66 -4.03 5.26
N ARG A 123 -33.60 -3.82 6.01
CA ARG A 123 -33.70 -3.39 7.39
C ARG A 123 -32.80 -2.19 7.70
N SER A 124 -32.06 -1.68 6.71
CA SER A 124 -31.12 -0.59 6.92
C SER A 124 -31.48 0.64 6.09
N GLY A 125 -32.72 0.73 5.62
CA GLY A 125 -33.23 1.91 4.94
C GLY A 125 -32.52 2.24 3.64
N ASN A 126 -31.83 3.38 3.62
CA ASN A 126 -31.10 3.81 2.44
C ASN A 126 -29.63 3.41 2.49
N SER A 127 -29.19 2.72 3.54
CA SER A 127 -27.80 2.36 3.72
C SER A 127 -27.57 0.86 3.54
N GLU A 128 -28.33 0.22 2.65
CA GLU A 128 -28.20 -1.22 2.48
C GLU A 128 -26.78 -1.59 2.06
N GLU A 129 -26.20 -0.81 1.15
CA GLU A 129 -24.83 -1.07 0.70
C GLU A 129 -23.85 -0.96 1.86
N ALA A 130 -23.92 0.13 2.61
CA ALA A 130 -22.95 0.33 3.68
C ALA A 130 -23.16 -0.67 4.82
N ALA A 131 -24.40 -1.08 5.06
CA ALA A 131 -24.71 -2.04 6.14
C ALA A 131 -24.14 -3.42 5.84
N ALA A 132 -24.32 -3.90 4.61
CA ALA A 132 -23.77 -5.19 4.23
C ALA A 132 -22.24 -5.18 4.27
N ALA A 133 -21.62 -4.14 3.74
CA ALA A 133 -20.16 -4.02 3.82
C ALA A 133 -19.72 -3.96 5.28
N GLY A 134 -20.47 -3.23 6.10
CA GLY A 134 -20.20 -3.24 7.53
C GLY A 134 -20.30 -4.63 8.14
N HIS A 135 -21.31 -5.41 7.70
CA HIS A 135 -21.42 -6.79 8.15
C HIS A 135 -20.20 -7.60 7.74
N ALA A 136 -19.77 -7.44 6.49
CA ALA A 136 -18.60 -8.15 5.98
C ALA A 136 -17.35 -7.79 6.78
N GLY A 137 -17.25 -6.54 7.22
CA GLY A 137 -16.11 -6.13 8.02
C GLY A 137 -16.08 -6.83 9.36
N ALA A 138 -17.23 -6.84 10.07
CA ALA A 138 -17.32 -7.56 11.35
C ALA A 138 -17.04 -9.06 11.16
N LEU A 139 -17.57 -9.64 10.09
CA LEU A 139 -17.37 -11.06 9.84
C LEU A 139 -15.89 -11.42 9.68
N THR A 140 -15.18 -10.72 8.77
CA THR A 140 -13.73 -10.87 8.64
C THR A 140 -13.01 -10.79 9.98
N GLY A 141 -13.41 -9.84 10.83
CA GLY A 141 -12.89 -9.83 12.18
C GLY A 141 -13.08 -11.14 12.91
N GLU A 142 -14.29 -11.72 12.82
CA GLU A 142 -14.53 -13.00 13.46
C GLU A 142 -13.74 -14.11 12.78
N LEU A 143 -13.61 -14.08 11.44
CA LEU A 143 -12.83 -15.13 10.79
C LEU A 143 -11.36 -15.07 11.16
N ALA A 144 -10.87 -13.88 11.52
CA ALA A 144 -9.48 -13.77 11.97
C ALA A 144 -9.33 -14.36 13.36
N ARG A 145 -10.25 -14.02 14.27
CA ARG A 145 -10.17 -14.58 15.62
CA ARG A 145 -10.19 -14.58 15.62
C ARG A 145 -10.26 -16.11 15.59
N ILE A 146 -10.92 -16.68 14.59
CA ILE A 146 -10.98 -18.13 14.51
C ILE A 146 -9.66 -18.67 14.01
N GLY A 147 -8.95 -17.89 13.21
CA GLY A 147 -7.70 -18.32 12.60
C GLY A 147 -7.81 -18.64 11.14
N THR A 148 -8.98 -18.39 10.54
CA THR A 148 -9.22 -18.76 9.16
C THR A 148 -8.68 -17.71 8.18
N VAL A 149 -8.68 -16.44 8.57
CA VAL A 149 -7.97 -15.38 7.85
C VAL A 149 -6.70 -15.08 8.62
N ALA A 150 -5.55 -15.09 7.93
CA ALA A 150 -4.29 -14.82 8.60
C ALA A 150 -4.27 -13.39 9.11
N ALA A 151 -3.62 -13.19 10.26
CA ALA A 151 -3.64 -11.89 10.93
C ALA A 151 -3.28 -10.75 9.98
N ARG A 152 -2.19 -10.90 9.21
CA ARG A 152 -1.79 -9.84 8.29
C ARG A 152 -2.71 -9.68 7.09
N LEU A 153 -3.47 -10.71 6.73
CA LEU A 153 -4.35 -10.65 5.56
C LEU A 153 -5.72 -10.10 5.86
N GLU A 154 -6.03 -9.79 7.13
CA GLU A 154 -7.39 -9.40 7.50
C GLU A 154 -7.85 -8.15 6.75
N MET A 155 -7.02 -7.09 6.75
CA MET A 155 -7.43 -5.84 6.13
C MET A 155 -7.72 -6.02 4.64
N ASP A 156 -6.89 -6.82 3.97
CA ASP A 156 -7.14 -7.17 2.57
C ASP A 156 -8.44 -7.97 2.43
N SER A 157 -8.56 -9.07 3.18
CA SER A 157 -9.80 -9.86 3.21
C SER A 157 -11.02 -8.98 3.39
N ARG A 158 -10.96 -8.10 4.39
CA ARG A 158 -12.08 -7.23 4.70
C ARG A 158 -12.43 -6.34 3.50
N ARG A 159 -11.42 -5.63 2.97
CA ARG A 159 -11.66 -4.79 1.81
C ARG A 159 -12.41 -5.57 0.72
N HIS A 160 -11.94 -6.79 0.42
CA HIS A 160 -12.53 -7.55 -0.68
C HIS A 160 -13.89 -8.13 -0.32
N LEU A 161 -14.08 -8.54 0.95
CA LEU A 161 -15.40 -9.06 1.32
C LEU A 161 -16.43 -7.94 1.35
N ALA A 162 -16.04 -6.78 1.86
CA ALA A 162 -16.97 -5.65 1.86
C ALA A 162 -17.34 -5.23 0.43
N GLN A 163 -16.38 -5.31 -0.51
CA GLN A 163 -16.71 -4.92 -1.88
C GLN A 163 -17.63 -5.95 -2.51
N ALA A 164 -17.38 -7.23 -2.28
CA ALA A 164 -18.29 -8.29 -2.74
C ALA A 164 -19.69 -8.10 -2.18
N ALA A 165 -19.79 -7.81 -0.88
CA ALA A 165 -21.10 -7.63 -0.27
C ALA A 165 -21.84 -6.47 -0.91
N ALA A 166 -21.11 -5.38 -1.18
CA ALA A 166 -21.73 -4.16 -1.72
C ALA A 166 -22.27 -4.40 -3.11
N ALA A 167 -21.50 -5.12 -3.95
CA ALA A 167 -21.98 -5.42 -5.29
C ALA A 167 -23.29 -6.23 -5.23
N LEU A 168 -23.34 -7.24 -4.36
CA LEU A 168 -24.55 -8.05 -4.28
C LEU A 168 -25.75 -7.19 -3.89
N VAL A 169 -25.57 -6.28 -2.94
CA VAL A 169 -26.67 -5.39 -2.57
C VAL A 169 -27.12 -4.57 -3.76
N ARG A 170 -26.18 -3.94 -4.48
CA ARG A 170 -26.53 -3.10 -5.62
C ARG A 170 -27.35 -3.89 -6.64
N ALA A 171 -26.92 -5.12 -6.94
CA ALA A 171 -27.69 -5.95 -7.85
C ALA A 171 -29.07 -6.23 -7.28
N TRP A 172 -29.12 -6.63 -6.00
CA TRP A 172 -30.38 -7.00 -5.36
C TRP A 172 -31.41 -5.86 -5.42
N GLU A 173 -30.95 -4.62 -5.27
CA GLU A 173 -31.87 -3.50 -5.33
C GLU A 173 -32.40 -3.25 -6.74
N ARG A 174 -31.71 -3.76 -7.76
CA ARG A 174 -32.11 -3.52 -9.15
C ARG A 174 -33.25 -4.41 -9.60
N ARG A 175 -33.71 -5.35 -8.76
CA ARG A 175 -34.77 -6.26 -9.16
C ARG A 175 -36.16 -5.66 -8.93
N GLY A 176 -36.33 -4.87 -7.88
CA GLY A 176 -37.61 -4.23 -7.58
C GLY A 176 -38.36 -4.85 -6.43
N MET B 1 7.43 -4.87 -4.52
CA MET B 1 7.30 -4.96 -5.96
C MET B 1 6.05 -4.20 -6.42
N ASP B 2 6.18 -3.40 -7.49
CA ASP B 2 5.02 -2.66 -7.98
C ASP B 2 4.06 -3.59 -8.72
N GLN B 3 2.82 -3.13 -8.89
CA GLN B 3 1.83 -3.95 -9.59
C GLN B 3 2.24 -4.18 -11.05
N LYS B 4 3.01 -3.25 -11.63
CA LYS B 4 3.52 -3.45 -12.99
C LYS B 4 4.35 -4.73 -13.07
N GLN B 5 5.24 -4.94 -12.12
CA GLN B 5 6.09 -6.11 -12.18
C GLN B 5 5.32 -7.37 -11.79
N PHE B 6 4.44 -7.27 -10.79
CA PHE B 6 3.60 -8.41 -10.43
C PHE B 6 2.80 -8.89 -11.62
N GLU B 7 2.20 -7.94 -12.35
CA GLU B 7 1.43 -8.30 -13.53
C GLU B 7 2.31 -8.90 -14.62
N LYS B 8 3.59 -8.51 -14.68
CA LYS B 8 4.50 -9.17 -15.63
C LYS B 8 4.74 -10.62 -15.23
N ILE B 9 4.98 -10.88 -13.95
CA ILE B 9 5.12 -12.26 -13.45
C ILE B 9 3.85 -13.07 -13.72
N ARG B 10 2.68 -12.48 -13.48
N ARG B 10 2.67 -12.48 -13.49
CA ARG B 10 1.43 -13.19 -13.75
CA ARG B 10 1.44 -13.23 -13.75
C ARG B 10 1.37 -13.64 -15.21
C ARG B 10 1.35 -13.64 -15.22
N ALA B 11 1.74 -12.76 -16.14
CA ALA B 11 1.68 -13.10 -17.56
C ALA B 11 2.66 -14.21 -17.93
N VAL B 12 3.87 -14.17 -17.36
CA VAL B 12 4.80 -15.30 -17.51
C VAL B 12 4.15 -16.60 -16.98
N PHE B 13 3.60 -16.54 -15.76
CA PHE B 13 2.93 -17.73 -15.21
C PHE B 13 1.85 -18.26 -16.16
N ASP B 14 0.98 -17.37 -16.65
CA ASP B 14 -0.17 -17.80 -17.45
C ASP B 14 0.26 -18.51 -18.73
N ARG B 15 1.35 -18.08 -19.35
CA ARG B 15 1.81 -18.66 -20.61
C ARG B 15 2.76 -19.83 -20.42
N SER B 16 3.29 -20.03 -19.22
CA SER B 16 4.42 -20.93 -19.06
C SER B 16 4.07 -22.39 -19.29
N GLY B 17 5.07 -23.11 -19.77
CA GLY B 17 5.02 -24.53 -19.96
C GLY B 17 5.52 -25.35 -18.79
N VAL B 18 5.97 -24.72 -17.69
CA VAL B 18 6.32 -25.46 -16.49
C VAL B 18 5.41 -25.02 -15.35
N ALA B 19 5.25 -25.92 -14.39
CA ALA B 19 4.51 -25.58 -13.18
C ALA B 19 5.19 -24.43 -12.46
N LEU B 20 4.38 -23.43 -12.09
CA LEU B 20 4.91 -22.28 -11.39
C LEU B 20 3.96 -21.86 -10.28
N THR B 21 4.55 -21.49 -9.13
CA THR B 21 3.84 -20.94 -7.99
C THR B 21 4.58 -19.73 -7.46
N LEU B 22 3.80 -18.80 -6.90
CA LEU B 22 4.33 -17.63 -6.21
C LEU B 22 3.70 -17.55 -4.82
N VAL B 23 4.53 -17.31 -3.80
CA VAL B 23 4.12 -17.27 -2.41
C VAL B 23 4.50 -15.92 -1.81
N ASP B 24 3.57 -15.33 -1.05
CA ASP B 24 3.82 -14.04 -0.39
C ASP B 24 4.73 -14.25 0.80
N MET B 25 5.88 -13.57 0.82
CA MET B 25 6.84 -13.75 1.91
C MET B 25 6.69 -12.70 2.99
N SER B 26 5.76 -11.76 2.83
CA SER B 26 5.59 -10.70 3.81
C SER B 26 4.77 -11.13 5.02
N LEU B 27 4.45 -12.42 5.17
CA LEU B 27 3.81 -12.87 6.39
C LEU B 27 4.22 -14.30 6.64
N PRO B 28 4.21 -14.76 7.90
CA PRO B 28 4.74 -16.09 8.19
C PRO B 28 3.92 -17.22 7.60
N GLU B 29 2.62 -17.00 7.39
CA GLU B 29 1.80 -18.07 6.85
C GLU B 29 2.26 -18.46 5.44
N GLN B 30 2.83 -17.50 4.70
CA GLN B 30 3.37 -17.76 3.36
C GLN B 30 2.33 -18.33 2.39
N PRO B 31 1.30 -17.56 2.07
CA PRO B 31 0.24 -18.10 1.21
C PRO B 31 0.57 -18.05 -0.28
N LEU B 32 0.05 -19.05 -0.97
CA LEU B 32 -0.03 -19.08 -2.42
C LEU B 32 -0.80 -17.88 -2.95
N VAL B 33 -0.19 -17.16 -3.90
CA VAL B 33 -0.87 -16.07 -4.58
C VAL B 33 -0.97 -16.28 -6.08
N LEU B 34 -0.23 -17.23 -6.65
CA LEU B 34 -0.29 -17.59 -8.06
C LEU B 34 0.00 -19.08 -8.16
N ALA B 35 -0.79 -19.76 -8.96
CA ALA B 35 -0.52 -21.15 -9.34
C ALA B 35 -1.02 -21.27 -10.78
N ASN B 36 -0.15 -21.68 -11.68
CA ASN B 36 -0.46 -21.63 -13.11
C ASN B 36 -1.01 -22.97 -13.58
N PRO B 37 -1.58 -23.03 -14.79
CA PRO B 37 -2.30 -24.24 -15.22
C PRO B 37 -1.47 -25.52 -15.12
N PRO B 38 -0.20 -25.51 -15.55
CA PRO B 38 0.58 -26.76 -15.44
C PRO B 38 0.68 -27.26 -14.02
N PHE B 39 0.70 -26.34 -13.05
CA PHE B 39 0.75 -26.75 -11.67
C PHE B 39 -0.61 -27.30 -11.21
N LEU B 40 -1.70 -26.64 -11.60
CA LEU B 40 -3.03 -27.11 -11.29
C LEU B 40 -3.32 -28.46 -11.93
N ARG B 41 -2.86 -28.66 -13.16
CA ARG B 41 -3.00 -29.95 -13.82
CA ARG B 41 -2.99 -29.94 -13.83
C ARG B 41 -2.29 -31.05 -13.05
N MET B 42 -1.03 -30.81 -12.68
CA MET B 42 -0.27 -31.80 -11.92
C MET B 42 -0.96 -32.19 -10.62
N THR B 43 -1.47 -31.20 -9.89
CA THR B 43 -1.91 -31.42 -8.52
C THR B 43 -3.38 -31.81 -8.41
N GLY B 44 -4.16 -31.59 -9.48
CA GLY B 44 -5.58 -31.87 -9.48
C GLY B 44 -6.45 -30.86 -8.77
N TYR B 45 -6.01 -29.62 -8.66
CA TYR B 45 -6.81 -28.58 -8.02
C TYR B 45 -7.22 -27.53 -9.03
N THR B 46 -8.27 -26.80 -8.67
CA THR B 46 -8.57 -25.53 -9.30
C THR B 46 -7.86 -24.41 -8.54
N GLU B 47 -7.59 -23.31 -9.27
CA GLU B 47 -6.89 -22.17 -8.70
C GLU B 47 -7.57 -21.65 -7.46
N GLY B 48 -8.88 -21.43 -7.55
CA GLY B 48 -9.61 -20.77 -6.49
C GLY B 48 -9.60 -21.53 -5.18
N GLN B 49 -9.53 -22.86 -5.25
CA GLN B 49 -9.59 -23.59 -4.00
C GLN B 49 -8.23 -23.68 -3.30
N ILE B 50 -7.12 -23.29 -3.94
CA ILE B 50 -5.84 -23.36 -3.24
C ILE B 50 -5.21 -22.00 -2.97
N LEU B 51 -5.56 -20.96 -3.73
CA LEU B 51 -4.95 -19.67 -3.45
C LEU B 51 -5.22 -19.28 -2.01
N GLY B 52 -4.22 -18.71 -1.35
CA GLY B 52 -4.38 -18.33 0.04
C GLY B 52 -3.98 -19.38 1.05
N PHE B 53 -3.76 -20.62 0.61
CA PHE B 53 -3.22 -21.66 1.47
C PHE B 53 -1.70 -21.80 1.29
N ASN B 54 -1.07 -22.39 2.29
CA ASN B 54 0.34 -22.72 2.23
C ASN B 54 0.53 -24.04 1.48
N CYS B 55 1.55 -24.09 0.63
CA CYS B 55 1.76 -25.24 -0.25
C CYS B 55 1.98 -26.56 0.49
N ARG B 56 2.18 -26.53 1.81
CA ARG B 56 2.33 -27.81 2.49
C ARG B 56 1.08 -28.71 2.40
N PHE B 57 -0.05 -28.19 1.91
CA PHE B 57 -1.23 -29.05 1.73
C PHE B 57 -0.96 -30.22 0.78
N LEU B 58 0.06 -30.11 -0.08
CA LEU B 58 0.40 -31.22 -0.96
C LEU B 58 1.03 -32.38 -0.22
N GLN B 59 1.31 -32.21 1.08
CA GLN B 59 1.86 -33.26 1.90
C GLN B 59 0.76 -34.03 2.63
N ARG B 60 1.10 -35.22 3.10
CA ARG B 60 0.24 -35.95 4.01
C ARG B 60 1.00 -36.06 5.33
N GLY B 61 1.73 -37.14 5.57
CA GLY B 61 2.45 -37.28 6.82
C GLY B 61 3.72 -36.42 6.84
N ASP B 62 4.53 -36.63 7.88
CA ASP B 62 5.78 -35.88 8.00
C ASP B 62 6.97 -36.66 7.43
N GLU B 63 6.75 -37.42 6.36
CA GLU B 63 7.84 -38.16 5.76
C GLU B 63 8.88 -37.25 5.12
N ASN B 64 8.53 -35.98 4.89
CA ASN B 64 9.41 -35.01 4.27
C ASN B 64 10.19 -34.18 5.29
N ALA B 65 10.32 -34.67 6.52
CA ALA B 65 10.81 -33.85 7.65
C ALA B 65 12.12 -33.10 7.34
N GLN B 66 13.13 -33.82 6.83
CA GLN B 66 14.42 -33.16 6.59
C GLN B 66 14.31 -32.17 5.43
N ALA B 67 13.54 -32.51 4.39
CA ALA B 67 13.41 -31.58 3.29
C ALA B 67 12.70 -30.31 3.74
N ARG B 68 11.68 -30.44 4.60
CA ARG B 68 10.99 -29.25 5.11
C ARG B 68 11.93 -28.38 5.94
N ALA B 69 12.80 -29.00 6.75
CA ALA B 69 13.81 -28.24 7.50
C ALA B 69 14.72 -27.46 6.56
N ASP B 70 15.24 -28.12 5.52
CA ASP B 70 15.99 -27.42 4.49
C ASP B 70 15.19 -26.28 3.89
N ILE B 71 13.91 -26.51 3.58
CA ILE B 71 13.09 -25.49 2.93
C ILE B 71 12.94 -24.28 3.84
N ARG B 72 12.49 -24.51 5.08
CA ARG B 72 12.32 -23.41 6.01
C ARG B 72 13.61 -22.57 6.12
N ASP B 73 14.76 -23.24 6.11
CA ASP B 73 16.03 -22.53 6.16
C ASP B 73 16.24 -21.65 4.94
N ALA B 74 16.09 -22.22 3.74
CA ALA B 74 16.24 -21.45 2.51
C ALA B 74 15.28 -20.26 2.47
N LEU B 75 14.04 -20.45 2.91
CA LEU B 75 13.08 -19.35 2.91
C LEU B 75 13.48 -18.24 3.88
N LYS B 76 13.92 -18.62 5.07
CA LYS B 76 14.35 -17.65 6.06
C LYS B 76 15.52 -16.80 5.53
N LEU B 77 16.45 -17.43 4.84
CA LEU B 77 17.68 -16.80 4.35
C LEU B 77 17.54 -16.20 2.95
N GLY B 78 16.43 -16.44 2.27
CA GLY B 78 16.24 -15.92 0.92
C GLY B 78 17.13 -16.59 -0.10
N ARG B 79 17.37 -17.88 0.04
CA ARG B 79 18.30 -18.60 -0.83
C ARG B 79 17.56 -19.53 -1.77
N GLU B 80 18.15 -19.75 -2.96
CA GLU B 80 17.61 -20.73 -3.88
C GLU B 80 17.73 -22.13 -3.28
N LEU B 81 16.82 -23.02 -3.67
CA LEU B 81 16.91 -24.39 -3.18
C LEU B 81 16.17 -25.31 -4.14
N GLN B 82 16.77 -26.48 -4.36
CA GLN B 82 16.14 -27.59 -5.06
C GLN B 82 16.08 -28.78 -4.10
N VAL B 83 14.94 -29.47 -4.04
CA VAL B 83 14.75 -30.56 -3.07
C VAL B 83 13.61 -31.46 -3.55
N VAL B 84 13.70 -32.75 -3.22
CA VAL B 84 12.68 -33.71 -3.63
C VAL B 84 11.69 -33.90 -2.49
N LEU B 85 10.40 -33.79 -2.82
CA LEU B 85 9.30 -33.99 -1.87
C LEU B 85 8.36 -35.10 -2.34
N ARG B 86 7.97 -35.96 -1.40
CA ARG B 86 6.84 -36.88 -1.59
C ARG B 86 5.53 -36.11 -1.45
N ASN B 87 4.76 -36.01 -2.52
CA ASN B 87 3.56 -35.18 -2.55
C ASN B 87 2.39 -36.03 -2.97
N TYR B 88 1.21 -35.41 -3.01
CA TYR B 88 -0.04 -36.13 -3.18
C TYR B 88 -1.02 -35.25 -3.96
N ARG B 89 -1.70 -35.84 -4.94
CA ARG B 89 -2.70 -35.09 -5.67
C ARG B 89 -3.95 -34.88 -4.82
N ALA B 90 -4.87 -34.07 -5.34
CA ALA B 90 -6.11 -33.81 -4.64
C ALA B 90 -6.80 -35.10 -4.23
N ASN B 91 -6.80 -36.10 -5.13
CA ASN B 91 -7.40 -37.40 -4.90
C ASN B 91 -6.52 -38.34 -4.10
N ASP B 92 -5.39 -37.85 -3.61
CA ASP B 92 -4.43 -38.56 -2.75
C ASP B 92 -3.51 -39.48 -3.56
N GLU B 93 -3.56 -39.43 -4.88
CA GLU B 93 -2.54 -40.07 -5.69
C GLU B 93 -1.17 -39.52 -5.27
N PRO B 94 -0.19 -40.37 -4.98
CA PRO B 94 1.14 -39.87 -4.60
C PRO B 94 2.06 -39.57 -5.78
N PHE B 95 2.96 -38.62 -5.58
CA PHE B 95 3.97 -38.40 -6.62
C PHE B 95 5.20 -37.75 -6.00
N ASP B 96 6.34 -37.96 -6.66
CA ASP B 96 7.59 -37.36 -6.21
C ASP B 96 7.81 -36.04 -6.94
N ASN B 97 8.18 -35.01 -6.17
CA ASN B 97 8.11 -33.62 -6.60
C ASN B 97 9.50 -33.02 -6.42
N LEU B 98 10.23 -32.86 -7.53
CA LEU B 98 11.50 -32.10 -7.50
C LEU B 98 11.11 -30.63 -7.47
N LEU B 99 11.23 -30.01 -6.31
CA LEU B 99 10.80 -28.62 -6.14
C LEU B 99 11.98 -27.67 -6.37
N PHE B 100 11.76 -26.60 -7.14
CA PHE B 100 12.76 -25.55 -7.39
C PHE B 100 12.27 -24.28 -6.71
N LEU B 101 13.04 -23.79 -5.74
CA LEU B 101 12.67 -22.54 -5.06
C LEU B 101 13.63 -21.42 -5.51
N HIS B 102 13.06 -20.25 -5.77
CA HIS B 102 13.81 -19.07 -6.19
CA HIS B 102 13.84 -19.08 -6.16
C HIS B 102 13.25 -17.84 -5.51
N PRO B 103 14.06 -17.06 -4.78
CA PRO B 103 13.59 -15.77 -4.26
C PRO B 103 13.27 -14.84 -5.42
N VAL B 104 12.29 -13.97 -5.19
CA VAL B 104 11.79 -13.06 -6.22
C VAL B 104 11.55 -11.70 -5.59
N GLY B 105 12.09 -10.65 -6.23
CA GLY B 105 11.81 -9.30 -5.80
C GLY B 105 12.47 -9.00 -4.46
N GLY B 106 12.03 -7.88 -3.89
CA GLY B 106 12.58 -7.47 -2.62
C GLY B 106 14.05 -7.07 -2.71
N ARG B 107 14.77 -7.38 -1.64
CA ARG B 107 16.21 -7.16 -1.54
C ARG B 107 16.87 -8.49 -1.19
N PRO B 108 18.20 -8.56 -1.24
CA PRO B 108 18.88 -9.83 -0.92
C PRO B 108 18.65 -10.25 0.52
N GLY B 109 18.36 -11.55 0.69
CA GLY B 109 18.00 -12.11 1.97
C GLY B 109 16.59 -11.79 2.42
N ALA B 110 15.83 -11.02 1.66
CA ALA B 110 14.47 -10.65 2.06
C ALA B 110 13.63 -10.39 0.81
N PRO B 111 13.38 -11.43 0.03
CA PRO B 111 12.49 -11.28 -1.13
C PRO B 111 11.06 -10.96 -0.75
N ASP B 112 10.36 -10.31 -1.68
CA ASP B 112 8.94 -10.08 -1.52
C ASP B 112 8.15 -11.38 -1.69
N TYR B 113 8.61 -12.24 -2.59
CA TYR B 113 7.91 -13.46 -2.96
C TYR B 113 8.96 -14.55 -3.05
N PHE B 114 8.47 -15.79 -3.00
CA PHE B 114 9.24 -16.94 -3.45
C PHE B 114 8.51 -17.58 -4.61
N LEU B 115 9.28 -17.90 -5.65
CA LEU B 115 8.78 -18.68 -6.77
C LEU B 115 9.05 -20.14 -6.49
N GLY B 116 8.07 -20.98 -6.77
CA GLY B 116 8.26 -22.41 -6.72
C GLY B 116 7.94 -22.99 -8.08
N SER B 117 8.68 -24.01 -8.46
CA SER B 117 8.42 -24.72 -9.71
C SER B 117 8.64 -26.20 -9.48
N GLN B 118 7.64 -26.99 -9.82
CA GLN B 118 7.54 -28.39 -9.46
C GLN B 118 7.80 -29.27 -10.68
N PHE B 119 8.72 -30.20 -10.57
CA PHE B 119 8.91 -31.21 -11.60
C PHE B 119 8.50 -32.58 -11.06
N GLU B 120 7.58 -33.25 -11.78
CA GLU B 120 7.08 -34.56 -11.37
C GLU B 120 8.01 -35.67 -11.83
N LEU B 121 8.67 -36.32 -10.88
CA LEU B 121 9.41 -37.54 -11.13
C LEU B 121 8.47 -38.70 -11.41
N GLY B 122 9.00 -39.71 -12.10
CA GLY B 122 8.33 -40.99 -12.23
C GLY B 122 7.59 -41.19 -13.54
N ARG B 123 7.50 -40.17 -14.40
CA ARG B 123 6.79 -40.23 -15.66
CA ARG B 123 6.80 -40.31 -15.67
C ARG B 123 7.72 -40.04 -16.86
N SER B 124 9.02 -40.22 -16.69
CA SER B 124 9.95 -39.96 -17.77
C SER B 124 10.80 -41.18 -18.09
N GLY B 125 10.18 -42.37 -18.01
CA GLY B 125 10.89 -43.59 -18.34
C GLY B 125 12.13 -43.73 -17.49
N ASN B 126 13.25 -44.02 -18.13
CA ASN B 126 14.52 -44.11 -17.44
C ASN B 126 15.42 -42.90 -17.70
N SER B 127 14.93 -41.93 -18.44
CA SER B 127 15.65 -40.67 -18.65
C SER B 127 15.18 -39.58 -17.69
N GLU B 128 15.08 -39.93 -16.40
CA GLU B 128 14.62 -38.96 -15.41
C GLU B 128 15.63 -37.83 -15.24
N GLU B 129 16.93 -38.17 -15.24
CA GLU B 129 17.98 -37.18 -15.17
C GLU B 129 17.80 -36.12 -16.25
N ALA B 130 17.73 -36.58 -17.52
CA ALA B 130 17.66 -35.66 -18.64
C ALA B 130 16.41 -34.81 -18.58
N ALA B 131 15.30 -35.38 -18.13
CA ALA B 131 14.04 -34.64 -18.14
C ALA B 131 14.01 -33.59 -17.04
N ALA B 132 14.63 -33.87 -15.90
CA ALA B 132 14.70 -32.88 -14.85
C ALA B 132 15.60 -31.72 -15.26
N ALA B 133 16.75 -32.04 -15.86
CA ALA B 133 17.62 -30.99 -16.38
C ALA B 133 16.87 -30.14 -17.41
N GLY B 134 16.12 -30.78 -18.30
CA GLY B 134 15.30 -30.04 -19.25
C GLY B 134 14.33 -29.09 -18.56
N HIS B 135 13.73 -29.53 -17.45
CA HIS B 135 12.82 -28.67 -16.69
C HIS B 135 13.56 -27.45 -16.15
N ALA B 136 14.71 -27.69 -15.50
CA ALA B 136 15.63 -26.62 -15.11
C ALA B 136 15.89 -25.64 -16.26
N GLY B 137 16.19 -26.17 -17.45
CA GLY B 137 16.39 -25.31 -18.62
C GLY B 137 15.21 -24.40 -18.93
N ALA B 138 14.00 -24.98 -18.95
CA ALA B 138 12.80 -24.21 -19.24
C ALA B 138 12.54 -23.18 -18.15
N LEU B 139 12.74 -23.59 -16.90
CA LEU B 139 12.52 -22.69 -15.78
C LEU B 139 13.48 -21.50 -15.82
N THR B 140 14.75 -21.74 -16.15
CA THR B 140 15.69 -20.63 -16.32
C THR B 140 15.17 -19.63 -17.35
N GLY B 141 14.67 -20.11 -18.49
CA GLY B 141 14.01 -19.22 -19.44
C GLY B 141 12.96 -18.32 -18.79
N GLU B 142 12.09 -18.89 -17.94
CA GLU B 142 11.02 -18.09 -17.32
C GLU B 142 11.57 -17.11 -16.31
N LEU B 143 12.51 -17.55 -15.48
CA LEU B 143 13.17 -16.64 -14.57
C LEU B 143 13.80 -15.46 -15.31
N ALA B 144 14.35 -15.72 -16.50
CA ALA B 144 14.95 -14.62 -17.27
C ALA B 144 13.88 -13.67 -17.75
N ARG B 145 12.72 -14.20 -18.17
CA ARG B 145 11.62 -13.35 -18.61
CA ARG B 145 11.65 -13.32 -18.61
C ARG B 145 11.10 -12.48 -17.47
N ILE B 146 11.07 -13.02 -16.25
CA ILE B 146 10.58 -12.27 -15.09
C ILE B 146 11.55 -11.15 -14.71
N GLY B 147 12.82 -11.30 -15.03
CA GLY B 147 13.85 -10.36 -14.61
C GLY B 147 14.74 -10.87 -13.50
N THR B 148 14.56 -12.13 -13.10
CA THR B 148 15.26 -12.69 -11.95
C THR B 148 16.72 -13.00 -12.23
N VAL B 149 17.01 -13.68 -13.35
CA VAL B 149 18.38 -13.93 -13.79
C VAL B 149 18.71 -12.97 -14.94
N ALA B 150 19.91 -12.40 -14.92
CA ALA B 150 20.31 -11.45 -15.94
C ALA B 150 20.42 -12.11 -17.31
N ALA B 151 20.24 -11.30 -18.36
CA ALA B 151 20.41 -11.77 -19.74
C ALA B 151 21.78 -12.41 -19.94
N ARG B 152 22.85 -11.64 -19.67
CA ARG B 152 24.25 -12.06 -19.83
C ARG B 152 24.69 -13.09 -18.77
N LEU B 153 23.73 -13.61 -18.00
CA LEU B 153 23.96 -14.69 -17.04
C LEU B 153 23.04 -15.88 -17.26
N GLU B 154 22.10 -15.82 -18.21
CA GLU B 154 21.12 -16.89 -18.38
C GLU B 154 21.79 -18.21 -18.74
N MET B 155 22.81 -18.18 -19.59
CA MET B 155 23.42 -19.43 -20.04
C MET B 155 24.14 -20.12 -18.89
N ASP B 156 24.78 -19.34 -18.00
CA ASP B 156 25.48 -19.91 -16.86
C ASP B 156 24.48 -20.35 -15.80
N SER B 157 23.41 -19.58 -15.62
CA SER B 157 22.33 -19.96 -14.71
C SER B 157 21.71 -21.29 -15.12
N ARG B 158 21.33 -21.40 -16.41
CA ARG B 158 20.81 -22.64 -16.98
C ARG B 158 21.73 -23.80 -16.65
N ARG B 159 23.03 -23.62 -16.88
CA ARG B 159 23.97 -24.72 -16.69
C ARG B 159 23.98 -25.15 -15.23
N HIS B 160 23.92 -24.21 -14.28
CA HIS B 160 24.01 -24.60 -12.88
CA HIS B 160 24.03 -24.63 -12.89
C HIS B 160 22.74 -25.30 -12.43
N LEU B 161 21.58 -24.75 -12.79
CA LEU B 161 20.31 -25.35 -12.39
C LEU B 161 20.13 -26.73 -13.02
N ALA B 162 20.50 -26.89 -14.30
CA ALA B 162 20.35 -28.19 -14.91
C ALA B 162 21.21 -29.24 -14.23
N GLN B 163 22.45 -28.88 -13.89
CA GLN B 163 23.33 -29.81 -13.20
C GLN B 163 22.80 -30.16 -11.81
N ALA B 164 22.27 -29.17 -11.09
CA ALA B 164 21.77 -29.43 -9.75
C ALA B 164 20.56 -30.37 -9.81
N ALA B 165 19.61 -30.06 -10.69
CA ALA B 165 18.44 -30.92 -10.87
C ALA B 165 18.86 -32.36 -11.13
N ALA B 166 19.81 -32.55 -12.03
CA ALA B 166 20.23 -33.89 -12.40
C ALA B 166 20.86 -34.62 -11.22
N ALA B 167 21.59 -33.89 -10.36
CA ALA B 167 22.23 -34.53 -9.21
C ALA B 167 21.19 -35.03 -8.20
N LEU B 168 20.15 -34.24 -7.92
CA LEU B 168 19.12 -34.73 -7.02
C LEU B 168 18.41 -35.94 -7.60
N VAL B 169 18.08 -35.90 -8.89
CA VAL B 169 17.51 -37.07 -9.52
C VAL B 169 18.42 -38.28 -9.37
N ARG B 170 19.73 -38.10 -9.59
CA ARG B 170 20.66 -39.20 -9.43
CA ARG B 170 20.67 -39.19 -9.41
C ARG B 170 20.64 -39.73 -7.99
N ALA B 171 20.55 -38.82 -7.02
CA ALA B 171 20.51 -39.26 -5.62
C ALA B 171 19.19 -39.92 -5.30
N TRP B 172 18.10 -39.40 -5.88
CA TRP B 172 16.77 -39.90 -5.54
C TRP B 172 16.50 -41.26 -6.15
N GLU B 173 17.19 -41.60 -7.25
CA GLU B 173 17.07 -42.96 -7.77
C GLU B 173 17.91 -43.96 -6.99
N ARG B 174 18.86 -43.49 -6.18
CA ARG B 174 19.60 -44.36 -5.28
C ARG B 174 18.82 -44.53 -3.97
N ARG B 175 17.60 -45.06 -4.12
CA ARG B 175 16.69 -45.25 -3.00
C ARG B 175 16.06 -46.64 -3.05
N MET C 1 4.10 -17.47 -45.55
CA MET C 1 3.69 -17.41 -44.15
C MET C 1 3.49 -15.96 -43.70
N ASP C 2 2.45 -15.74 -42.88
CA ASP C 2 2.08 -14.41 -42.41
C ASP C 2 3.31 -13.64 -41.94
N GLN C 3 3.41 -12.37 -42.35
CA GLN C 3 4.50 -11.56 -41.82
C GLN C 3 4.28 -11.23 -40.35
N LYS C 4 3.03 -11.23 -39.90
CA LYS C 4 2.74 -11.16 -38.46
C LYS C 4 3.48 -12.25 -37.71
N GLN C 5 3.34 -13.50 -38.18
CA GLN C 5 4.00 -14.63 -37.55
C GLN C 5 5.53 -14.50 -37.60
N PHE C 6 6.08 -14.18 -38.79
CA PHE C 6 7.52 -13.96 -38.91
C PHE C 6 7.99 -12.95 -37.89
N GLU C 7 7.30 -11.82 -37.78
CA GLU C 7 7.68 -10.83 -36.78
C GLU C 7 7.57 -11.40 -35.38
N LYS C 8 6.59 -12.29 -35.14
CA LYS C 8 6.49 -12.98 -33.86
C LYS C 8 7.72 -13.86 -33.64
N ILE C 9 8.13 -14.62 -34.65
CA ILE C 9 9.34 -15.42 -34.54
C ILE C 9 10.55 -14.53 -34.25
N ARG C 10 10.68 -13.42 -34.98
CA ARG C 10 11.81 -12.53 -34.77
CA ARG C 10 11.81 -12.52 -34.77
C ARG C 10 11.86 -12.01 -33.34
N ALA C 11 10.69 -11.69 -32.78
CA ALA C 11 10.66 -11.20 -31.40
C ALA C 11 11.15 -12.25 -30.42
N VAL C 12 10.75 -13.52 -30.64
CA VAL C 12 11.22 -14.58 -29.77
C VAL C 12 12.73 -14.73 -29.90
N PHE C 13 13.24 -14.66 -31.13
CA PHE C 13 14.69 -14.79 -31.34
C PHE C 13 15.44 -13.75 -30.55
N ASP C 14 15.01 -12.49 -30.65
CA ASP C 14 15.81 -11.42 -30.07
C ASP C 14 15.84 -11.50 -28.55
N ARG C 15 14.83 -12.11 -27.92
CA ARG C 15 14.75 -12.14 -26.47
C ARG C 15 15.35 -13.41 -25.87
N SER C 16 15.62 -14.43 -26.67
CA SER C 16 15.92 -15.75 -26.14
C SER C 16 17.32 -15.82 -25.53
N GLY C 17 17.46 -16.71 -24.55
CA GLY C 17 18.73 -17.06 -23.96
C GLY C 17 19.44 -18.22 -24.62
N VAL C 18 18.92 -18.79 -25.70
CA VAL C 18 19.64 -19.81 -26.45
C VAL C 18 19.94 -19.30 -27.85
N ALA C 19 21.01 -19.82 -28.44
CA ALA C 19 21.31 -19.48 -29.83
C ALA C 19 20.18 -19.98 -30.73
N LEU C 20 19.70 -19.09 -31.61
CA LEU C 20 18.64 -19.43 -32.54
C LEU C 20 18.95 -18.91 -33.94
N THR C 21 18.84 -19.79 -34.93
CA THR C 21 18.89 -19.41 -36.33
C THR C 21 17.58 -19.74 -37.04
N LEU C 22 17.34 -19.04 -38.15
CA LEU C 22 16.21 -19.32 -39.02
C LEU C 22 16.69 -19.29 -40.45
N VAL C 23 16.40 -20.36 -41.18
CA VAL C 23 16.87 -20.52 -42.56
C VAL C 23 15.65 -20.57 -43.46
N ASP C 24 15.70 -19.79 -44.52
CA ASP C 24 14.67 -19.73 -45.55
C ASP C 24 14.80 -20.96 -46.44
N MET C 25 13.77 -21.80 -46.43
CA MET C 25 13.77 -23.08 -47.10
C MET C 25 13.27 -22.98 -48.53
N SER C 26 12.65 -21.85 -48.90
CA SER C 26 12.08 -21.66 -50.24
C SER C 26 13.12 -21.28 -51.29
N LEU C 27 14.40 -21.23 -50.91
CA LEU C 27 15.50 -20.92 -51.81
C LEU C 27 16.51 -22.07 -51.77
N PRO C 28 17.13 -22.40 -52.89
CA PRO C 28 17.92 -23.65 -52.93
C PRO C 28 19.18 -23.59 -52.09
N GLU C 29 19.83 -22.42 -52.01
CA GLU C 29 21.02 -22.30 -51.18
C GLU C 29 20.69 -22.26 -49.70
N GLN C 30 19.42 -22.17 -49.33
CA GLN C 30 18.95 -22.25 -47.96
C GLN C 30 19.67 -21.22 -47.07
N PRO C 31 19.36 -19.94 -47.23
CA PRO C 31 20.12 -18.91 -46.52
C PRO C 31 19.59 -18.58 -45.14
N LEU C 32 20.53 -18.25 -44.27
CA LEU C 32 20.25 -17.65 -42.98
C LEU C 32 19.48 -16.35 -43.16
N VAL C 33 18.35 -16.23 -42.46
CA VAL C 33 17.57 -14.99 -42.45
C VAL C 33 17.39 -14.42 -41.07
N LEU C 34 17.68 -15.19 -40.01
CA LEU C 34 17.67 -14.68 -38.65
C LEU C 34 18.84 -15.30 -37.90
N ALA C 35 19.53 -14.49 -37.12
CA ALA C 35 20.59 -14.99 -36.25
C ALA C 35 20.66 -14.06 -35.05
N ASN C 36 20.36 -14.60 -33.87
CA ASN C 36 20.10 -13.82 -32.67
C ASN C 36 21.37 -13.69 -31.86
N PRO C 37 21.39 -12.77 -30.89
CA PRO C 37 22.65 -12.41 -30.20
C PRO C 37 23.39 -13.61 -29.63
N PRO C 38 22.72 -14.56 -28.97
CA PRO C 38 23.49 -15.71 -28.45
C PRO C 38 24.22 -16.46 -29.55
N PHE C 39 23.61 -16.58 -30.74
CA PHE C 39 24.29 -17.24 -31.83
C PHE C 39 25.51 -16.43 -32.29
N LEU C 40 25.35 -15.11 -32.38
CA LEU C 40 26.45 -14.25 -32.80
C LEU C 40 27.54 -14.23 -31.74
N ARG C 41 27.15 -14.15 -30.46
CA ARG C 41 28.13 -14.12 -29.38
C ARG C 41 29.01 -15.35 -29.43
N MET C 42 28.42 -16.50 -29.77
CA MET C 42 29.14 -17.75 -29.71
C MET C 42 30.03 -17.97 -30.93
N THR C 43 29.62 -17.46 -32.08
CA THR C 43 30.34 -17.67 -33.33
C THR C 43 31.33 -16.58 -33.67
N GLY C 44 31.16 -15.36 -33.13
CA GLY C 44 32.03 -14.24 -33.45
C GLY C 44 31.57 -13.36 -34.60
N TYR C 45 30.48 -13.69 -35.28
CA TYR C 45 30.10 -12.91 -36.45
C TYR C 45 29.12 -11.79 -36.11
N THR C 46 29.05 -10.83 -37.01
CA THR C 46 27.99 -9.84 -37.06
C THR C 46 26.87 -10.38 -37.94
N GLU C 47 25.66 -9.84 -37.74
CA GLU C 47 24.52 -10.16 -38.59
C GLU C 47 24.84 -9.93 -40.07
N GLY C 48 25.36 -8.75 -40.39
CA GLY C 48 25.63 -8.39 -41.77
C GLY C 48 26.68 -9.25 -42.46
N GLN C 49 27.48 -9.98 -41.70
CA GLN C 49 28.41 -10.92 -42.32
C GLN C 49 27.71 -12.19 -42.82
N ILE C 50 26.64 -12.65 -42.15
CA ILE C 50 26.22 -14.03 -42.37
C ILE C 50 24.81 -14.15 -42.93
N LEU C 51 23.93 -13.17 -42.68
CA LEU C 51 22.61 -13.20 -43.28
C LEU C 51 22.75 -13.33 -44.78
N GLY C 52 21.94 -14.22 -45.37
CA GLY C 52 22.02 -14.49 -46.79
C GLY C 52 23.00 -15.58 -47.15
N PHE C 53 23.81 -16.02 -46.20
CA PHE C 53 24.72 -17.15 -46.40
C PHE C 53 24.15 -18.41 -45.75
N ASN C 54 24.56 -19.56 -46.27
CA ASN C 54 24.22 -20.85 -45.71
C ASN C 54 25.06 -21.14 -44.48
N CYS C 55 24.46 -21.80 -43.49
CA CYS C 55 25.13 -21.98 -42.19
C CYS C 55 26.38 -22.83 -42.26
N ARG C 56 26.62 -23.53 -43.36
CA ARG C 56 27.86 -24.27 -43.49
C ARG C 56 29.12 -23.39 -43.40
N PHE C 57 29.00 -22.05 -43.34
CA PHE C 57 30.22 -21.26 -43.13
C PHE C 57 30.88 -21.56 -41.79
N LEU C 58 30.23 -22.33 -40.91
CA LEU C 58 30.79 -22.68 -39.62
C LEU C 58 31.74 -23.86 -39.71
N GLN C 59 31.83 -24.49 -40.86
CA GLN C 59 32.66 -25.66 -41.07
C GLN C 59 33.88 -25.29 -41.90
N ARG C 60 34.82 -26.23 -41.92
CA ARG C 60 36.00 -26.18 -42.77
C ARG C 60 36.19 -27.56 -43.38
N GLY C 61 36.79 -27.60 -44.58
CA GLY C 61 37.17 -28.83 -45.28
C GLY C 61 36.06 -29.86 -45.39
N ASP C 62 36.48 -31.14 -45.37
CA ASP C 62 35.59 -32.31 -45.42
C ASP C 62 35.74 -33.05 -44.10
N GLU C 63 34.81 -32.84 -43.16
CA GLU C 63 34.96 -33.50 -41.87
C GLU C 63 33.65 -33.70 -41.12
N ASN C 64 32.49 -33.47 -41.75
CA ASN C 64 31.23 -33.72 -41.07
C ASN C 64 30.33 -34.58 -41.94
N ALA C 65 30.92 -35.60 -42.58
CA ALA C 65 30.26 -36.27 -43.69
C ALA C 65 28.95 -36.91 -43.24
N GLN C 66 29.02 -37.84 -42.29
CA GLN C 66 27.82 -38.52 -41.83
C GLN C 66 26.77 -37.53 -41.34
N ALA C 67 27.18 -36.59 -40.49
CA ALA C 67 26.21 -35.66 -39.93
C ALA C 67 25.59 -34.78 -41.00
N ARG C 68 26.37 -34.40 -42.02
CA ARG C 68 25.82 -33.58 -43.10
C ARG C 68 24.87 -34.37 -43.98
N ALA C 69 25.21 -35.62 -44.28
CA ALA C 69 24.27 -36.49 -44.98
C ALA C 69 22.98 -36.65 -44.19
N ASP C 70 23.07 -36.69 -42.85
CA ASP C 70 21.86 -36.77 -42.04
C ASP C 70 21.10 -35.44 -42.05
N ILE C 71 21.81 -34.31 -41.97
CA ILE C 71 21.11 -33.03 -42.03
C ILE C 71 20.39 -32.88 -43.36
N ARG C 72 21.04 -33.30 -44.45
CA ARG C 72 20.44 -33.15 -45.76
C ARG C 72 19.17 -33.98 -45.88
N ASP C 73 19.17 -35.19 -45.31
CA ASP C 73 17.97 -36.02 -45.31
C ASP C 73 16.84 -35.35 -44.55
N ALA C 74 17.13 -34.92 -43.32
CA ALA C 74 16.11 -34.29 -42.48
C ALA C 74 15.54 -33.04 -43.14
N LEU C 75 16.39 -32.21 -43.74
CA LEU C 75 15.93 -31.00 -44.40
C LEU C 75 15.04 -31.30 -45.59
N LYS C 76 15.43 -32.29 -46.41
CA LYS C 76 14.59 -32.67 -47.53
C LYS C 76 13.23 -33.19 -47.08
N LEU C 77 13.20 -33.96 -45.99
CA LEU C 77 11.96 -34.55 -45.51
C LEU C 77 11.21 -33.64 -44.56
N GLY C 78 11.84 -32.57 -44.07
CA GLY C 78 11.18 -31.69 -43.14
C GLY C 78 11.01 -32.30 -41.77
N ARG C 79 12.00 -33.08 -41.34
CA ARG C 79 11.97 -33.71 -40.03
C ARG C 79 12.90 -33.02 -39.05
N GLU C 80 12.55 -33.12 -37.77
CA GLU C 80 13.45 -32.68 -36.73
C GLU C 80 14.71 -33.53 -36.76
N LEU C 81 15.81 -32.94 -36.30
CA LEU C 81 17.05 -33.69 -36.25
C LEU C 81 17.92 -33.03 -35.20
N GLN C 82 18.66 -33.84 -34.45
CA GLN C 82 19.68 -33.28 -33.58
C GLN C 82 20.98 -34.03 -33.81
N VAL C 83 22.09 -33.30 -33.93
CA VAL C 83 23.34 -33.89 -34.40
C VAL C 83 24.52 -33.02 -33.98
N VAL C 84 25.66 -33.65 -33.74
CA VAL C 84 26.88 -32.98 -33.30
C VAL C 84 27.72 -32.64 -34.53
N LEU C 85 28.17 -31.39 -34.61
CA LEU C 85 29.02 -30.95 -35.71
C LEU C 85 30.33 -30.40 -35.19
N ARG C 86 31.40 -30.63 -35.94
CA ARG C 86 32.67 -29.95 -35.72
C ARG C 86 32.59 -28.58 -36.41
N ASN C 87 32.57 -27.51 -35.62
CA ASN C 87 32.42 -26.15 -36.14
C ASN C 87 33.62 -25.29 -35.73
N TYR C 88 33.60 -24.03 -36.17
CA TYR C 88 34.67 -23.07 -35.96
C TYR C 88 34.06 -21.69 -35.80
N ARG C 89 34.59 -20.92 -34.84
CA ARG C 89 34.25 -19.52 -34.71
C ARG C 89 34.93 -18.71 -35.82
N ALA C 90 34.62 -17.41 -35.82
CA ALA C 90 35.16 -16.54 -36.85
C ALA C 90 36.68 -16.52 -36.84
N ASN C 91 37.30 -16.45 -35.65
CA ASN C 91 38.76 -16.48 -35.47
C ASN C 91 39.38 -17.86 -35.72
N ASP C 92 38.55 -18.79 -36.19
CA ASP C 92 38.90 -20.16 -36.56
C ASP C 92 39.14 -21.12 -35.40
N GLU C 93 38.90 -20.75 -34.14
CA GLU C 93 39.05 -21.77 -33.10
C GLU C 93 37.87 -22.75 -33.16
N PRO C 94 38.13 -24.04 -32.97
CA PRO C 94 37.09 -25.06 -33.13
C PRO C 94 36.18 -25.21 -31.92
N PHE C 95 34.95 -25.64 -32.19
CA PHE C 95 34.04 -26.05 -31.13
C PHE C 95 33.09 -27.11 -31.65
N ASP C 96 32.66 -28.01 -30.76
CA ASP C 96 31.71 -29.05 -31.12
C ASP C 96 30.30 -28.55 -30.85
N ASN C 97 29.45 -28.65 -31.88
CA ASN C 97 28.16 -27.99 -31.94
C ASN C 97 27.09 -29.07 -31.92
N LEU C 98 26.34 -29.15 -30.83
CA LEU C 98 25.13 -29.97 -30.80
C LEU C 98 24.02 -29.14 -31.43
N LEU C 99 23.69 -29.44 -32.67
CA LEU C 99 22.72 -28.67 -33.43
C LEU C 99 21.32 -29.29 -33.29
N PHE C 100 20.32 -28.46 -32.95
CA PHE C 100 18.91 -28.85 -32.95
C PHE C 100 18.22 -28.25 -34.16
N LEU C 101 17.70 -29.10 -35.05
CA LEU C 101 16.99 -28.64 -36.24
C LEU C 101 15.49 -28.89 -36.07
N HIS C 102 14.67 -27.91 -36.47
CA HIS C 102 13.22 -27.98 -36.27
CA HIS C 102 13.22 -28.00 -36.28
C HIS C 102 12.45 -27.32 -37.41
N PRO C 103 11.52 -28.03 -38.07
CA PRO C 103 10.72 -27.41 -39.14
C PRO C 103 9.85 -26.27 -38.62
N VAL C 104 9.69 -25.21 -39.43
CA VAL C 104 8.81 -24.10 -39.06
C VAL C 104 7.89 -23.79 -40.24
N GLY C 105 6.58 -23.63 -39.96
CA GLY C 105 5.62 -23.11 -40.92
C GLY C 105 5.41 -24.04 -42.11
N GLY C 106 4.95 -23.45 -43.21
CA GLY C 106 4.71 -24.23 -44.41
C GLY C 106 3.67 -25.32 -44.16
N ARG C 107 3.94 -26.51 -44.68
CA ARG C 107 3.11 -27.69 -44.47
C ARG C 107 4.01 -28.87 -44.14
N PRO C 108 3.43 -29.97 -43.65
CA PRO C 108 4.27 -31.10 -43.21
C PRO C 108 5.07 -31.68 -44.36
N GLY C 109 6.35 -31.94 -44.10
CA GLY C 109 7.29 -32.36 -45.12
C GLY C 109 7.80 -31.24 -46.01
N ALA C 110 7.35 -30.00 -45.80
CA ALA C 110 7.74 -28.88 -46.63
C ALA C 110 7.59 -27.58 -45.86
N PRO C 111 8.33 -27.41 -44.77
CA PRO C 111 8.21 -26.18 -43.99
C PRO C 111 8.76 -24.98 -44.77
N ASP C 112 8.27 -23.79 -44.39
CA ASP C 112 8.74 -22.55 -44.97
C ASP C 112 10.16 -22.23 -44.51
N TYR C 113 10.46 -22.49 -43.24
CA TYR C 113 11.76 -22.23 -42.67
C TYR C 113 12.19 -23.47 -41.90
N PHE C 114 13.50 -23.55 -41.66
CA PHE C 114 14.03 -24.41 -40.62
C PHE C 114 14.62 -23.59 -39.48
N LEU C 115 14.30 -23.95 -38.24
CA LEU C 115 14.96 -23.35 -37.09
C LEU C 115 16.17 -24.19 -36.70
N GLY C 116 17.27 -23.50 -36.37
CA GLY C 116 18.45 -24.15 -35.80
C GLY C 116 18.76 -23.53 -34.44
N SER C 117 19.16 -24.37 -33.50
CA SER C 117 19.57 -23.88 -32.20
C SER C 117 20.85 -24.61 -31.85
N GLN C 118 21.87 -23.87 -31.46
CA GLN C 118 23.20 -24.43 -31.32
C GLN C 118 23.60 -24.45 -29.85
N PHE C 119 24.07 -25.60 -29.40
CA PHE C 119 24.55 -25.78 -28.05
C PHE C 119 26.05 -26.06 -28.10
N GLU C 120 26.85 -25.16 -27.52
CA GLU C 120 28.29 -25.32 -27.57
C GLU C 120 28.70 -26.36 -26.55
N LEU C 121 29.23 -27.48 -27.02
CA LEU C 121 29.77 -28.51 -26.16
C LEU C 121 31.13 -28.09 -25.62
N GLY C 122 31.62 -28.85 -24.65
CA GLY C 122 32.97 -28.67 -24.14
C GLY C 122 33.16 -27.60 -23.11
N ARG C 123 32.16 -26.77 -22.82
CA ARG C 123 32.35 -25.69 -21.86
C ARG C 123 31.46 -25.84 -20.64
N SER C 124 30.93 -27.03 -20.39
CA SER C 124 30.06 -27.27 -19.25
C SER C 124 30.67 -28.29 -18.29
N GLY C 125 32.00 -28.39 -18.29
CA GLY C 125 32.71 -29.12 -17.24
C GLY C 125 32.32 -30.58 -17.15
N ASN C 126 31.95 -31.03 -15.95
CA ASN C 126 31.60 -32.42 -15.69
C ASN C 126 30.12 -32.74 -15.94
N SER C 127 29.34 -31.79 -16.44
CA SER C 127 27.88 -31.99 -16.55
C SER C 127 27.39 -31.62 -17.96
N GLU C 128 28.02 -32.19 -18.99
CA GLU C 128 27.61 -31.86 -20.35
C GLU C 128 26.20 -32.39 -20.64
N GLU C 129 25.91 -33.62 -20.20
CA GLU C 129 24.58 -34.20 -20.36
C GLU C 129 23.51 -33.27 -19.81
N ALA C 130 23.69 -32.82 -18.57
CA ALA C 130 22.71 -31.94 -17.94
C ALA C 130 22.57 -30.64 -18.72
N ALA C 131 23.71 -29.99 -19.03
CA ALA C 131 23.68 -28.70 -19.72
C ALA C 131 22.99 -28.81 -21.07
N ALA C 132 23.29 -29.87 -21.82
CA ALA C 132 22.62 -30.10 -23.09
C ALA C 132 21.11 -30.24 -22.86
N ALA C 133 20.72 -31.09 -21.90
CA ALA C 133 19.30 -31.30 -21.60
C ALA C 133 18.63 -29.98 -21.21
N GLY C 134 19.28 -29.22 -20.32
CA GLY C 134 18.78 -27.90 -20.02
C GLY C 134 18.62 -27.01 -21.24
N HIS C 135 19.55 -27.09 -22.20
CA HIS C 135 19.41 -26.30 -23.41
C HIS C 135 18.17 -26.73 -24.19
N ALA C 136 17.95 -28.04 -24.30
CA ALA C 136 16.78 -28.55 -24.99
C ALA C 136 15.50 -28.07 -24.32
N GLY C 137 15.50 -27.94 -23.00
CA GLY C 137 14.32 -27.49 -22.32
C GLY C 137 14.04 -26.02 -22.55
N ALA C 138 15.11 -25.19 -22.50
CA ALA C 138 14.97 -23.79 -22.89
C ALA C 138 14.51 -23.69 -24.34
N LEU C 139 15.04 -24.53 -25.22
CA LEU C 139 14.63 -24.53 -26.61
C LEU C 139 13.14 -24.86 -26.77
N THR C 140 12.67 -25.89 -26.07
CA THR C 140 11.26 -26.26 -26.15
C THR C 140 10.37 -25.08 -25.75
N GLY C 141 10.74 -24.34 -24.71
CA GLY C 141 9.98 -23.15 -24.38
C GLY C 141 9.90 -22.15 -25.52
N GLU C 142 10.98 -22.01 -26.30
CA GLU C 142 10.93 -21.06 -27.43
C GLU C 142 10.03 -21.59 -28.53
N LEU C 143 10.15 -22.88 -28.83
CA LEU C 143 9.32 -23.50 -29.87
C LEU C 143 7.85 -23.35 -29.54
N ALA C 144 7.49 -23.49 -28.27
CA ALA C 144 6.09 -23.29 -27.87
C ALA C 144 5.72 -21.82 -28.03
N ARG C 145 6.62 -20.90 -27.67
CA ARG C 145 6.33 -19.48 -27.83
CA ARG C 145 6.32 -19.49 -27.82
C ARG C 145 6.08 -19.11 -29.28
N ILE C 146 6.78 -19.77 -30.21
CA ILE C 146 6.52 -19.56 -31.64
C ILE C 146 5.19 -20.17 -32.05
N GLY C 147 4.78 -21.25 -31.38
CA GLY C 147 3.61 -22.03 -31.78
C GLY C 147 3.96 -23.31 -32.50
N THR C 148 5.24 -23.62 -32.61
CA THR C 148 5.72 -24.88 -33.16
C THR C 148 5.27 -26.08 -32.34
N VAL C 149 5.27 -25.93 -31.01
CA VAL C 149 4.84 -26.97 -30.08
C VAL C 149 3.55 -26.49 -29.44
N ALA C 150 2.52 -27.35 -29.47
CA ALA C 150 1.27 -27.00 -28.81
C ALA C 150 1.50 -26.97 -27.31
N ALA C 151 0.71 -26.18 -26.61
CA ALA C 151 0.87 -26.12 -25.15
C ALA C 151 0.67 -27.51 -24.54
N ARG C 152 -0.33 -28.25 -25.02
CA ARG C 152 -0.69 -29.56 -24.46
C ARG C 152 0.46 -30.57 -24.58
N LEU C 153 1.29 -30.44 -25.61
CA LEU C 153 2.36 -31.39 -25.85
C LEU C 153 3.72 -30.86 -25.40
N GLU C 154 3.74 -29.75 -24.67
CA GLU C 154 5.04 -29.11 -24.45
C GLU C 154 5.89 -29.90 -23.47
N MET C 155 5.29 -30.39 -22.38
CA MET C 155 6.07 -31.15 -21.41
C MET C 155 6.62 -32.42 -22.04
N ASP C 156 5.82 -33.09 -22.88
CA ASP C 156 6.29 -34.28 -23.55
C ASP C 156 7.46 -34.00 -24.50
N SER C 157 7.36 -32.94 -25.32
CA SER C 157 8.42 -32.60 -26.27
C SER C 157 9.70 -32.25 -25.53
N ARG C 158 9.58 -31.50 -24.43
CA ARG C 158 10.75 -31.20 -23.62
C ARG C 158 11.43 -32.48 -23.15
N ARG C 159 10.65 -33.43 -22.60
CA ARG C 159 11.24 -34.68 -22.14
C ARG C 159 11.94 -35.44 -23.27
N HIS C 160 11.34 -35.47 -24.45
CA HIS C 160 11.92 -36.21 -25.56
CA HIS C 160 11.97 -36.25 -25.50
C HIS C 160 13.13 -35.49 -26.15
N LEU C 161 13.07 -34.16 -26.21
CA LEU C 161 14.20 -33.41 -26.73
C LEU C 161 15.39 -33.48 -25.77
N ALA C 162 15.14 -33.37 -24.46
CA ALA C 162 16.20 -33.46 -23.46
C ALA C 162 16.92 -34.80 -23.53
N GLN C 163 16.16 -35.89 -23.65
CA GLN C 163 16.78 -37.20 -23.64
C GLN C 163 17.53 -37.46 -24.95
N ALA C 164 17.04 -36.93 -26.05
CA ALA C 164 17.79 -37.01 -27.30
C ALA C 164 19.12 -36.28 -27.19
N ALA C 165 19.10 -35.08 -26.59
CA ALA C 165 20.32 -34.32 -26.40
C ALA C 165 21.26 -35.06 -25.47
N ALA C 166 20.74 -35.48 -24.31
CA ALA C 166 21.55 -36.19 -23.34
C ALA C 166 22.20 -37.42 -23.94
N ALA C 167 21.49 -38.09 -24.84
CA ALA C 167 22.03 -39.31 -25.42
C ALA C 167 23.12 -39.00 -26.44
N LEU C 168 22.97 -37.91 -27.19
CA LEU C 168 24.05 -37.51 -28.10
C LEU C 168 25.30 -37.16 -27.31
N VAL C 169 25.15 -36.43 -26.21
CA VAL C 169 26.29 -36.02 -25.40
C VAL C 169 27.03 -37.23 -24.84
N ARG C 170 26.29 -38.24 -24.37
CA ARG C 170 26.93 -39.45 -23.89
C ARG C 170 27.75 -40.10 -25.00
N ALA C 171 27.22 -40.11 -26.22
CA ALA C 171 27.95 -40.68 -27.34
C ALA C 171 29.15 -39.82 -27.70
N TRP C 172 28.93 -38.52 -27.86
CA TRP C 172 30.02 -37.59 -28.14
C TRP C 172 31.11 -37.65 -27.09
N GLU C 173 30.73 -37.92 -25.83
CA GLU C 173 31.77 -38.08 -24.82
C GLU C 173 32.53 -39.42 -24.94
N ARG C 174 32.28 -40.20 -25.98
CA ARG C 174 33.11 -41.38 -26.27
C ARG C 174 33.90 -41.15 -27.57
N ARG C 175 34.55 -39.99 -27.67
CA ARG C 175 35.24 -39.58 -28.89
C ARG C 175 36.45 -40.47 -29.20
N MET D 1 -11.16 4.59 35.63
CA MET D 1 -11.55 3.21 35.35
C MET D 1 -10.43 2.24 35.71
N ASP D 2 -10.80 1.02 36.10
CA ASP D 2 -9.85 0.07 36.68
C ASP D 2 -8.73 -0.26 35.70
N GLN D 3 -7.62 -0.73 36.27
CA GLN D 3 -6.62 -1.38 35.44
C GLN D 3 -7.17 -2.70 34.89
N LYS D 4 -8.10 -3.32 35.62
CA LYS D 4 -8.85 -4.45 35.08
C LYS D 4 -9.44 -4.09 33.72
N GLN D 5 -10.24 -3.03 33.67
CA GLN D 5 -10.81 -2.59 32.40
C GLN D 5 -9.73 -2.10 31.43
N PHE D 6 -8.64 -1.53 31.94
CA PHE D 6 -7.58 -1.03 31.05
C PHE D 6 -6.82 -2.18 30.40
N GLU D 7 -6.56 -3.25 31.17
CA GLU D 7 -5.85 -4.38 30.59
C GLU D 7 -6.72 -5.11 29.58
N LYS D 8 -8.04 -5.07 29.76
CA LYS D 8 -8.96 -5.68 28.80
C LYS D 8 -8.94 -4.93 27.47
N ILE D 9 -8.93 -3.58 27.54
CA ILE D 9 -8.75 -2.75 26.34
C ILE D 9 -7.41 -3.03 25.68
N ARG D 10 -6.36 -3.20 26.47
CA ARG D 10 -5.06 -3.54 25.91
C ARG D 10 -5.12 -4.83 25.09
N ALA D 11 -5.71 -5.88 25.65
CA ALA D 11 -5.80 -7.16 24.97
C ALA D 11 -6.57 -7.06 23.66
N VAL D 12 -7.68 -6.31 23.67
CA VAL D 12 -8.43 -6.04 22.44
C VAL D 12 -7.53 -5.37 21.41
N PHE D 13 -6.74 -4.38 21.86
CA PHE D 13 -5.86 -3.69 20.93
C PHE D 13 -4.88 -4.66 20.30
N ASP D 14 -4.32 -5.57 21.12
CA ASP D 14 -3.23 -6.42 20.66
C ASP D 14 -3.65 -7.32 19.52
N ARG D 15 -4.83 -7.93 19.63
CA ARG D 15 -5.32 -8.88 18.64
CA ARG D 15 -5.32 -8.88 18.64
C ARG D 15 -6.15 -8.23 17.54
N SER D 16 -6.54 -6.97 17.70
CA SER D 16 -7.43 -6.35 16.72
C SER D 16 -6.80 -6.29 15.33
N GLY D 17 -7.68 -6.36 14.33
CA GLY D 17 -7.29 -6.24 12.94
C GLY D 17 -7.50 -4.86 12.33
N VAL D 18 -8.00 -3.90 13.11
CA VAL D 18 -8.02 -2.50 12.70
C VAL D 18 -7.00 -1.76 13.54
N ALA D 19 -6.41 -0.73 12.92
CA ALA D 19 -5.51 0.16 13.64
C ALA D 19 -6.26 0.83 14.77
N LEU D 20 -5.69 0.78 15.97
CA LEU D 20 -6.34 1.35 17.14
C LEU D 20 -5.35 2.16 17.98
N THR D 21 -5.81 3.32 18.45
CA THR D 21 -5.05 4.16 19.35
C THR D 21 -5.95 4.62 20.48
N LEU D 22 -5.33 4.83 21.64
CA LEU D 22 -6.00 5.32 22.83
C LEU D 22 -5.14 6.42 23.41
N VAL D 23 -5.72 7.62 23.56
CA VAL D 23 -5.03 8.75 24.16
C VAL D 23 -5.62 9.04 25.53
N ASP D 24 -4.75 9.39 26.48
CA ASP D 24 -5.20 9.83 27.79
C ASP D 24 -5.80 11.24 27.70
N MET D 25 -7.02 11.38 28.18
CA MET D 25 -7.74 12.64 28.10
C MET D 25 -7.64 13.47 29.38
N SER D 26 -7.14 12.88 30.47
CA SER D 26 -6.90 13.67 31.68
C SER D 26 -5.70 14.59 31.54
N LEU D 27 -4.84 14.36 30.58
CA LEU D 27 -3.73 15.27 30.45
C LEU D 27 -4.03 16.34 29.40
N PRO D 28 -3.40 17.52 29.53
CA PRO D 28 -3.63 18.59 28.55
C PRO D 28 -3.20 18.23 27.13
N GLU D 29 -2.04 17.61 26.97
CA GLU D 29 -1.49 17.33 25.66
C GLU D 29 -2.19 16.16 24.97
N GLN D 30 -2.99 15.38 25.70
CA GLN D 30 -3.63 14.17 25.20
C GLN D 30 -2.62 13.24 24.57
N PRO D 31 -1.76 12.60 25.36
CA PRO D 31 -0.73 11.73 24.80
C PRO D 31 -1.26 10.35 24.41
N LEU D 32 -0.62 9.76 23.43
CA LEU D 32 -0.79 8.34 23.13
C LEU D 32 -0.35 7.48 24.30
N VAL D 33 -1.25 6.60 24.74
CA VAL D 33 -0.89 5.58 25.72
C VAL D 33 -1.01 4.17 25.15
N LEU D 34 -1.76 3.95 24.08
CA LEU D 34 -1.82 2.66 23.39
C LEU D 34 -1.71 2.88 21.89
N ALA D 35 -1.03 1.97 21.21
CA ALA D 35 -1.02 1.99 19.75
C ALA D 35 -0.71 0.59 19.26
N ASN D 36 -1.65 -0.02 18.54
CA ASN D 36 -1.59 -1.43 18.18
C ASN D 36 -0.81 -1.65 16.88
N PRO D 37 -0.45 -2.90 16.58
CA PRO D 37 0.47 -3.17 15.46
C PRO D 37 -0.08 -2.74 14.10
N PRO D 38 -1.37 -3.00 13.79
CA PRO D 38 -1.92 -2.44 12.55
C PRO D 38 -1.70 -0.95 12.40
N PHE D 39 -1.72 -0.19 13.48
CA PHE D 39 -1.46 1.23 13.39
C PHE D 39 0.02 1.50 13.10
N LEU D 40 0.91 0.82 13.83
CA LEU D 40 2.33 0.93 13.54
C LEU D 40 2.63 0.53 12.10
N ARG D 41 1.96 -0.52 11.61
CA ARG D 41 2.21 -0.96 10.24
C ARG D 41 1.82 0.11 9.25
N MET D 42 0.71 0.81 9.50
CA MET D 42 0.31 1.89 8.61
C MET D 42 1.32 3.03 8.63
N THR D 43 1.68 3.49 9.84
CA THR D 43 2.35 4.77 9.98
C THR D 43 3.86 4.70 9.77
N GLY D 44 4.43 3.50 9.83
CA GLY D 44 5.87 3.37 9.76
C GLY D 44 6.59 3.54 11.07
N TYR D 45 5.93 4.11 12.09
CA TYR D 45 6.57 4.29 13.38
C TYR D 45 6.58 2.98 14.16
N THR D 46 7.30 2.99 15.28
CA THR D 46 7.20 1.93 16.26
C THR D 46 6.86 2.53 17.61
N GLU D 47 6.56 1.64 18.57
CA GLU D 47 6.07 2.05 19.87
C GLU D 47 6.96 3.13 20.49
N GLY D 48 8.27 2.92 20.46
CA GLY D 48 9.18 3.85 21.12
C GLY D 48 8.88 5.30 20.80
N GLN D 49 8.74 5.62 19.52
CA GLN D 49 8.72 7.01 19.11
C GLN D 49 7.42 7.74 19.44
N ILE D 50 6.32 7.04 19.72
CA ILE D 50 5.04 7.73 19.63
C ILE D 50 4.25 7.75 20.93
N LEU D 51 4.41 6.73 21.78
CA LEU D 51 3.70 6.72 23.06
C LEU D 51 4.17 7.85 23.97
N GLY D 52 3.22 8.65 24.44
CA GLY D 52 3.52 9.79 25.27
C GLY D 52 3.42 11.12 24.55
N PHE D 53 3.13 11.11 23.26
CA PHE D 53 2.97 12.33 22.48
C PHE D 53 1.56 12.42 21.92
N ASN D 54 1.19 13.62 21.49
CA ASN D 54 -0.10 13.84 20.85
C ASN D 54 -0.06 13.33 19.42
N CYS D 55 -1.23 12.92 18.91
CA CYS D 55 -1.34 12.32 17.58
C CYS D 55 -1.14 13.30 16.42
N ARG D 56 -0.83 14.58 16.66
CA ARG D 56 -0.69 15.53 15.55
C ARG D 56 0.52 15.23 14.67
N PHE D 57 1.52 14.48 15.16
CA PHE D 57 2.76 14.24 14.43
C PHE D 57 2.55 13.56 13.09
N LEU D 58 1.37 13.02 12.83
CA LEU D 58 1.00 12.51 11.51
C LEU D 58 0.72 13.61 10.50
N GLN D 59 0.54 14.84 10.94
CA GLN D 59 0.32 15.94 10.01
C GLN D 59 1.63 16.65 9.68
N ARG D 60 1.61 17.39 8.57
CA ARG D 60 2.67 18.33 8.22
C ARG D 60 2.11 19.74 8.19
N GLY D 61 3.00 20.73 8.35
CA GLY D 61 2.66 22.13 8.32
C GLY D 61 1.29 22.46 8.87
N ASP D 62 0.42 23.00 8.01
CA ASP D 62 -0.93 23.37 8.41
C ASP D 62 -1.84 23.14 7.21
N GLU D 63 -2.53 21.99 7.19
CA GLU D 63 -3.38 21.66 6.06
C GLU D 63 -4.73 21.06 6.44
N ASN D 64 -5.06 20.99 7.73
CA ASN D 64 -6.29 20.35 8.15
C ASN D 64 -7.15 21.28 9.00
N ALA D 65 -7.19 22.55 8.61
CA ALA D 65 -7.84 23.59 9.38
C ALA D 65 -9.22 23.18 9.88
N GLN D 66 -10.16 22.94 8.96
CA GLN D 66 -11.53 22.65 9.36
C GLN D 66 -11.62 21.35 10.12
N ALA D 67 -10.73 20.39 9.84
CA ALA D 67 -10.89 19.07 10.41
C ALA D 67 -10.33 18.98 11.84
N ARG D 68 -9.20 19.65 12.12
CA ARG D 68 -8.72 19.74 13.50
C ARG D 68 -9.67 20.54 14.38
N ALA D 69 -10.34 21.54 13.81
CA ALA D 69 -11.30 22.30 14.60
C ALA D 69 -12.49 21.42 14.99
N ASP D 70 -12.92 20.53 14.10
CA ASP D 70 -14.00 19.61 14.42
C ASP D 70 -13.57 18.57 15.45
N ILE D 71 -12.31 18.11 15.35
CA ILE D 71 -11.73 17.24 16.37
C ILE D 71 -11.74 17.91 17.73
N ARG D 72 -11.19 19.12 17.80
CA ARG D 72 -11.02 19.81 19.07
C ARG D 72 -12.35 20.02 19.79
N ASP D 73 -13.44 20.21 19.03
CA ASP D 73 -14.75 20.26 19.64
C ASP D 73 -15.17 18.88 20.13
N ALA D 74 -15.22 17.90 19.22
CA ALA D 74 -15.60 16.55 19.60
C ALA D 74 -14.83 16.07 20.82
N LEU D 75 -13.54 16.39 20.91
CA LEU D 75 -12.74 15.96 22.05
C LEU D 75 -13.17 16.67 23.33
N LYS D 76 -13.20 18.00 23.31
CA LYS D 76 -13.63 18.73 24.51
C LYS D 76 -15.05 18.36 24.91
N LEU D 77 -15.90 18.05 23.94
CA LEU D 77 -17.29 17.71 24.20
C LEU D 77 -17.48 16.26 24.61
N GLY D 78 -16.55 15.38 24.28
CA GLY D 78 -16.73 13.97 24.57
C GLY D 78 -17.62 13.22 23.61
N ARG D 79 -17.74 13.70 22.37
CA ARG D 79 -18.60 13.07 21.37
C ARG D 79 -17.76 12.25 20.39
N GLU D 80 -18.38 11.26 19.79
CA GLU D 80 -17.69 10.55 18.73
C GLU D 80 -17.69 11.40 17.46
N LEU D 81 -16.90 10.97 16.48
CA LEU D 81 -16.61 11.81 15.33
C LEU D 81 -15.88 10.97 14.30
N GLN D 82 -16.25 11.15 13.04
CA GLN D 82 -15.53 10.55 11.93
C GLN D 82 -15.08 11.71 11.04
N VAL D 83 -13.77 11.79 10.75
CA VAL D 83 -13.22 12.89 9.94
C VAL D 83 -12.04 12.38 9.11
N VAL D 84 -11.81 13.05 7.97
CA VAL D 84 -10.72 12.74 7.06
C VAL D 84 -9.59 13.77 7.21
N LEU D 85 -8.38 13.26 7.37
CA LEU D 85 -7.19 14.05 7.66
C LEU D 85 -6.12 13.76 6.62
N ARG D 86 -5.49 14.80 6.09
CA ARG D 86 -4.25 14.63 5.35
C ARG D 86 -3.14 14.28 6.34
N ASN D 87 -2.56 13.09 6.20
CA ASN D 87 -1.59 12.56 7.14
C ASN D 87 -0.36 12.10 6.36
N TYR D 88 0.70 11.76 7.09
CA TYR D 88 1.98 11.39 6.47
C TYR D 88 2.60 10.24 7.21
N ARG D 89 3.16 9.30 6.47
CA ARG D 89 3.85 8.16 7.05
C ARG D 89 5.17 8.62 7.67
N ALA D 90 5.89 7.66 8.27
CA ALA D 90 7.17 7.98 8.88
C ALA D 90 8.22 8.34 7.84
N ASN D 91 8.11 7.80 6.62
CA ASN D 91 8.96 8.16 5.49
C ASN D 91 8.48 9.41 4.77
N ASP D 92 7.57 10.16 5.40
CA ASP D 92 6.97 11.39 4.91
C ASP D 92 6.00 11.16 3.76
N GLU D 93 5.94 9.95 3.21
CA GLU D 93 4.98 9.69 2.14
C GLU D 93 3.56 9.90 2.67
N PRO D 94 2.68 10.47 1.86
CA PRO D 94 1.38 10.93 2.37
C PRO D 94 0.28 9.89 2.21
N PHE D 95 -0.78 10.09 2.97
CA PHE D 95 -1.98 9.26 2.86
C PHE D 95 -3.13 9.97 3.54
N ASP D 96 -4.31 9.92 2.91
CA ASP D 96 -5.51 10.42 3.55
C ASP D 96 -6.04 9.39 4.55
N ASN D 97 -6.60 9.88 5.65
CA ASN D 97 -6.86 9.07 6.85
C ASN D 97 -8.29 9.34 7.30
N LEU D 98 -9.18 8.36 7.10
CA LEU D 98 -10.51 8.41 7.71
C LEU D 98 -10.36 7.96 9.16
N LEU D 99 -10.47 8.91 10.08
CA LEU D 99 -10.24 8.68 11.49
C LEU D 99 -11.58 8.58 12.21
N PHE D 100 -11.73 7.54 13.02
CA PHE D 100 -12.87 7.38 13.90
C PHE D 100 -12.43 7.68 15.33
N LEU D 101 -13.12 8.60 15.99
CA LEU D 101 -12.91 8.93 17.39
C LEU D 101 -14.11 8.42 18.19
N HIS D 102 -13.84 7.72 19.31
CA HIS D 102 -14.90 7.21 20.20
CA HIS D 102 -14.91 7.27 20.19
C HIS D 102 -14.55 7.50 21.65
N PRO D 103 -15.42 8.18 22.41
CA PRO D 103 -15.15 8.37 23.84
C PRO D 103 -15.18 7.03 24.57
N VAL D 104 -14.22 6.87 25.49
CA VAL D 104 -14.04 5.64 26.24
C VAL D 104 -13.92 5.98 27.72
N GLY D 105 -14.57 5.17 28.57
CA GLY D 105 -14.44 5.29 30.00
C GLY D 105 -15.04 6.58 30.53
N GLY D 106 -14.67 6.90 31.76
CA GLY D 106 -15.05 8.15 32.41
C GLY D 106 -16.55 8.32 32.52
N ARG D 107 -16.99 9.57 32.45
CA ARG D 107 -18.39 9.95 32.44
C ARG D 107 -18.70 10.75 31.18
N PRO D 108 -19.99 10.87 30.80
CA PRO D 108 -20.33 11.61 29.59
C PRO D 108 -19.72 13.01 29.55
N GLY D 109 -19.29 13.43 28.36
CA GLY D 109 -18.67 14.71 28.19
C GLY D 109 -17.33 14.87 28.86
N ALA D 110 -16.83 13.82 29.50
CA ALA D 110 -15.52 13.82 30.13
C ALA D 110 -14.99 12.39 30.18
N PRO D 111 -14.74 11.76 29.03
CA PRO D 111 -14.26 10.38 29.03
C PRO D 111 -12.87 10.26 29.64
N ASP D 112 -12.59 9.09 30.21
CA ASP D 112 -11.25 8.80 30.69
C ASP D 112 -10.25 8.80 29.55
N TYR D 113 -10.62 8.18 28.42
CA TYR D 113 -9.77 8.09 27.26
C TYR D 113 -10.60 8.40 26.02
N PHE D 114 -9.89 8.71 24.93
CA PHE D 114 -10.50 8.68 23.60
C PHE D 114 -9.86 7.57 22.80
N LEU D 115 -10.69 6.85 22.05
CA LEU D 115 -10.23 5.82 21.15
C LEU D 115 -10.22 6.42 19.75
N GLY D 116 -9.23 6.06 18.98
CA GLY D 116 -9.13 6.49 17.59
C GLY D 116 -8.76 5.31 16.72
N SER D 117 -9.41 5.23 15.57
CA SER D 117 -9.17 4.15 14.62
C SER D 117 -9.02 4.76 13.25
N GLN D 118 -7.98 4.35 12.53
CA GLN D 118 -7.60 5.00 11.28
C GLN D 118 -7.81 4.05 10.11
N PHE D 119 -8.56 4.51 9.12
CA PHE D 119 -8.70 3.81 7.86
C PHE D 119 -7.96 4.59 6.76
N GLU D 120 -7.10 3.89 6.03
CA GLU D 120 -6.27 4.49 4.99
C GLU D 120 -7.05 4.55 3.69
N LEU D 121 -7.37 5.75 3.23
CA LEU D 121 -7.99 5.85 1.92
C LEU D 121 -6.94 5.66 0.82
N GLY D 122 -7.42 5.62 -0.43
CA GLY D 122 -6.57 5.48 -1.60
C GLY D 122 -6.00 4.10 -1.83
N ARG D 123 -6.13 3.19 -0.87
CA ARG D 123 -5.59 1.84 -0.93
C ARG D 123 -6.60 0.83 -1.47
N SER D 124 -7.87 1.20 -1.63
CA SER D 124 -8.95 0.25 -1.86
C SER D 124 -9.55 0.36 -3.26
N GLY D 125 -8.86 1.03 -4.18
CA GLY D 125 -9.25 1.01 -5.57
C GLY D 125 -10.61 1.63 -5.81
N ASN D 126 -11.47 0.89 -6.51
CA ASN D 126 -12.82 1.32 -6.83
C ASN D 126 -13.80 1.24 -5.67
N SER D 127 -13.41 0.62 -4.56
CA SER D 127 -14.36 0.38 -3.48
C SER D 127 -13.92 1.01 -2.17
N GLU D 128 -13.61 2.32 -2.18
CA GLU D 128 -13.28 2.99 -0.93
C GLU D 128 -14.50 3.07 -0.02
N GLU D 129 -15.67 3.26 -0.61
CA GLU D 129 -16.90 3.38 0.16
C GLU D 129 -17.22 2.07 0.88
N ALA D 130 -17.16 0.95 0.15
CA ALA D 130 -17.33 -0.33 0.79
C ALA D 130 -16.23 -0.57 1.82
N ALA D 131 -14.97 -0.27 1.46
CA ALA D 131 -13.86 -0.58 2.35
C ALA D 131 -13.93 0.24 3.63
N ALA D 132 -14.33 1.50 3.54
CA ALA D 132 -14.52 2.27 4.75
C ALA D 132 -15.64 1.66 5.61
N ALA D 133 -16.75 1.29 4.97
CA ALA D 133 -17.84 0.60 5.67
C ALA D 133 -17.36 -0.68 6.34
N GLY D 134 -16.68 -1.53 5.59
CA GLY D 134 -15.97 -2.65 6.17
C GLY D 134 -15.18 -2.31 7.41
N HIS D 135 -14.36 -1.25 7.32
CA HIS D 135 -13.58 -0.83 8.48
C HIS D 135 -14.48 -0.50 9.65
N ALA D 136 -15.56 0.23 9.38
CA ALA D 136 -16.46 0.65 10.44
C ALA D 136 -17.15 -0.55 11.09
N GLY D 137 -17.46 -1.59 10.32
CA GLY D 137 -18.06 -2.78 10.91
C GLY D 137 -17.09 -3.56 11.78
N ALA D 138 -15.84 -3.71 11.33
CA ALA D 138 -14.81 -4.32 12.16
C ALA D 138 -14.57 -3.51 13.43
N LEU D 139 -14.52 -2.17 13.30
CA LEU D 139 -14.33 -1.33 14.47
C LEU D 139 -15.47 -1.49 15.47
N THR D 140 -16.71 -1.52 14.98
CA THR D 140 -17.84 -1.79 15.87
C THR D 140 -17.64 -3.08 16.66
N GLY D 141 -17.15 -4.13 15.99
CA GLY D 141 -16.82 -5.35 16.70
C GLY D 141 -15.88 -5.13 17.87
N GLU D 142 -14.86 -4.31 17.66
CA GLU D 142 -13.90 -4.09 18.73
C GLU D 142 -14.51 -3.25 19.85
N LEU D 143 -15.35 -2.28 19.49
CA LEU D 143 -15.96 -1.43 20.49
C LEU D 143 -16.86 -2.24 21.41
N ALA D 144 -17.54 -3.25 20.86
CA ALA D 144 -18.41 -4.12 21.67
C ALA D 144 -17.58 -4.98 22.60
N ARG D 145 -16.47 -5.51 22.10
CA ARG D 145 -15.60 -6.31 22.96
CA ARG D 145 -15.59 -6.30 22.95
C ARG D 145 -14.98 -5.47 24.07
N ILE D 146 -14.96 -4.16 23.90
CA ILE D 146 -14.43 -3.26 24.92
C ILE D 146 -15.52 -2.90 25.92
N GLY D 147 -16.75 -2.70 25.43
CA GLY D 147 -17.89 -2.36 26.28
C GLY D 147 -18.55 -1.04 25.94
N THR D 148 -18.01 -0.25 24.99
CA THR D 148 -18.59 1.05 24.67
C THR D 148 -19.92 0.90 23.95
N VAL D 149 -19.99 0.01 22.97
CA VAL D 149 -21.24 -0.32 22.29
C VAL D 149 -21.91 -1.44 23.09
N ALA D 150 -23.15 -1.20 23.52
CA ALA D 150 -23.92 -2.25 24.19
C ALA D 150 -24.29 -3.33 23.19
N ALA D 151 -24.26 -4.59 23.64
CA ALA D 151 -24.54 -5.73 22.76
C ALA D 151 -25.88 -5.58 22.06
N ARG D 152 -26.90 -5.13 22.78
CA ARG D 152 -28.24 -4.97 22.22
C ARG D 152 -28.29 -3.94 21.11
N LEU D 153 -27.31 -3.03 21.07
CA LEU D 153 -27.28 -2.00 20.07
C LEU D 153 -26.18 -2.21 19.04
N GLU D 154 -25.40 -3.30 19.17
CA GLU D 154 -24.24 -3.47 18.29
C GLU D 154 -24.63 -3.49 16.82
N MET D 155 -25.74 -4.14 16.48
CA MET D 155 -26.13 -4.23 15.08
C MET D 155 -26.49 -2.87 14.51
N ASP D 156 -27.36 -2.12 15.19
CA ASP D 156 -27.78 -0.83 14.65
CA ASP D 156 -27.78 -0.84 14.64
C ASP D 156 -26.65 0.19 14.74
N SER D 157 -25.83 0.09 15.78
CA SER D 157 -24.65 0.95 15.89
C SER D 157 -23.71 0.70 14.70
N ARG D 158 -23.48 -0.56 14.39
CA ARG D 158 -22.63 -0.90 13.24
C ARG D 158 -23.23 -0.34 11.95
N ARG D 159 -24.56 -0.39 11.84
CA ARG D 159 -25.19 0.10 10.62
C ARG D 159 -24.99 1.61 10.49
N HIS D 160 -25.19 2.35 11.58
CA HIS D 160 -25.04 3.81 11.56
C HIS D 160 -23.59 4.24 11.47
N LEU D 161 -22.65 3.42 11.91
CA LEU D 161 -21.25 3.80 11.80
C LEU D 161 -20.69 3.48 10.42
N ALA D 162 -21.15 2.38 9.81
CA ALA D 162 -20.77 2.13 8.43
C ALA D 162 -21.38 3.19 7.50
N GLN D 163 -22.60 3.61 7.77
CA GLN D 163 -23.24 4.61 6.93
C GLN D 163 -22.51 5.94 7.04
N ALA D 164 -22.12 6.34 8.25
CA ALA D 164 -21.36 7.57 8.41
C ALA D 164 -20.06 7.50 7.63
N ALA D 165 -19.38 6.36 7.69
CA ALA D 165 -18.09 6.25 7.01
C ALA D 165 -18.27 6.29 5.49
N ALA D 166 -19.36 5.72 4.99
CA ALA D 166 -19.58 5.72 3.54
C ALA D 166 -19.92 7.12 3.04
N ALA D 167 -20.78 7.83 3.77
CA ALA D 167 -21.11 9.21 3.39
C ALA D 167 -19.85 10.06 3.34
N LEU D 168 -18.96 9.85 4.30
CA LEU D 168 -17.72 10.61 4.37
C LEU D 168 -16.86 10.34 3.14
N VAL D 169 -16.71 9.08 2.77
CA VAL D 169 -15.88 8.76 1.63
C VAL D 169 -16.50 9.30 0.35
N ARG D 170 -17.83 9.36 0.29
CA ARG D 170 -18.49 9.92 -0.89
C ARG D 170 -18.14 11.39 -1.04
N ALA D 171 -18.21 12.16 0.05
CA ALA D 171 -17.77 13.56 0.02
C ALA D 171 -16.30 13.65 -0.39
N TRP D 172 -15.46 12.83 0.23
CA TRP D 172 -14.02 12.88 -0.05
C TRP D 172 -13.72 12.60 -1.52
N GLU D 173 -14.44 11.65 -2.11
CA GLU D 173 -14.25 11.32 -3.52
C GLU D 173 -14.78 12.41 -4.44
N ARG D 174 -15.54 13.37 -3.91
CA ARG D 174 -16.04 14.49 -4.70
C ARG D 174 -15.28 15.79 -4.43
N ARG D 175 -14.24 15.75 -3.60
CA ARG D 175 -13.46 16.93 -3.24
C ARG D 175 -12.65 17.44 -4.44
N MET E 1 -15.24 59.27 -2.60
CA MET E 1 -14.81 58.89 -3.95
C MET E 1 -15.59 59.69 -5.00
N ASP E 2 -14.90 60.07 -6.09
CA ASP E 2 -15.52 60.81 -7.17
C ASP E 2 -16.81 60.14 -7.62
N GLN E 3 -17.93 60.85 -7.52
CA GLN E 3 -19.21 60.30 -7.95
C GLN E 3 -19.22 59.93 -9.43
N LYS E 4 -18.37 60.57 -10.25
CA LYS E 4 -18.24 60.18 -11.65
C LYS E 4 -17.49 58.86 -11.79
N GLN E 5 -16.56 58.59 -10.88
CA GLN E 5 -15.81 57.34 -10.93
C GLN E 5 -16.63 56.17 -10.40
N PHE E 6 -17.43 56.37 -9.35
CA PHE E 6 -18.38 55.35 -8.92
C PHE E 6 -19.31 54.96 -10.05
N GLU E 7 -19.59 55.88 -10.97
CA GLU E 7 -20.50 55.59 -12.07
C GLU E 7 -19.80 54.82 -13.18
N LYS E 8 -18.51 55.06 -13.40
CA LYS E 8 -17.73 54.17 -14.26
C LYS E 8 -17.87 52.72 -13.79
N ILE E 9 -17.84 52.52 -12.48
CA ILE E 9 -17.88 51.16 -11.91
C ILE E 9 -19.27 50.56 -12.06
N ARG E 10 -20.31 51.32 -11.70
CA ARG E 10 -21.67 50.83 -11.80
C ARG E 10 -22.01 50.40 -13.24
N ALA E 11 -21.34 50.98 -14.23
CA ALA E 11 -21.64 50.64 -15.61
C ALA E 11 -20.92 49.38 -16.06
N VAL E 12 -19.62 49.24 -15.74
CA VAL E 12 -18.89 48.04 -16.13
C VAL E 12 -19.47 46.80 -15.44
N PHE E 13 -19.86 46.95 -14.17
CA PHE E 13 -20.60 45.89 -13.47
C PHE E 13 -21.78 45.40 -14.30
N ASP E 14 -22.68 46.31 -14.65
CA ASP E 14 -23.93 45.94 -15.30
C ASP E 14 -23.70 45.32 -16.68
N ARG E 15 -22.57 45.63 -17.31
CA ARG E 15 -22.24 45.10 -18.62
C ARG E 15 -21.56 43.73 -18.55
N SER E 16 -20.90 43.42 -17.45
CA SER E 16 -19.92 42.34 -17.45
C SER E 16 -20.57 40.97 -17.40
N GLY E 17 -19.84 39.99 -17.92
CA GLY E 17 -20.27 38.61 -17.82
C GLY E 17 -19.44 37.82 -16.83
N VAL E 18 -18.99 38.48 -15.75
CA VAL E 18 -18.47 37.78 -14.58
C VAL E 18 -19.13 38.39 -13.36
N ALA E 19 -19.33 37.55 -12.35
CA ALA E 19 -19.99 38.01 -11.14
C ALA E 19 -19.16 39.09 -10.48
N LEU E 20 -19.81 40.18 -10.09
CA LEU E 20 -19.09 41.31 -9.52
C LEU E 20 -19.87 41.88 -8.35
N THR E 21 -19.18 42.15 -7.25
CA THR E 21 -19.76 42.73 -6.05
C THR E 21 -18.88 43.90 -5.61
N LEU E 22 -19.49 44.87 -4.92
CA LEU E 22 -18.75 46.00 -4.37
C LEU E 22 -19.20 46.25 -2.94
N VAL E 23 -18.23 46.46 -2.05
CA VAL E 23 -18.45 46.65 -0.62
C VAL E 23 -17.86 47.98 -0.18
N ASP E 24 -18.66 48.77 0.53
CA ASP E 24 -18.23 50.07 1.03
C ASP E 24 -17.36 49.90 2.27
N MET E 25 -16.15 50.44 2.22
CA MET E 25 -15.20 50.26 3.31
C MET E 25 -15.31 51.32 4.40
N SER E 26 -16.00 52.44 4.14
CA SER E 26 -16.16 53.48 5.14
C SER E 26 -17.23 53.16 6.17
N LEU E 27 -17.93 52.03 6.03
CA LEU E 27 -18.97 51.55 6.93
C LEU E 27 -18.41 50.48 7.86
N PRO E 28 -19.04 50.25 9.03
CA PRO E 28 -18.50 49.24 9.94
C PRO E 28 -18.74 47.82 9.45
N GLU E 29 -20.00 47.52 9.15
CA GLU E 29 -20.40 46.18 8.75
C GLU E 29 -20.03 45.82 7.32
N GLN E 30 -19.32 46.72 6.60
CA GLN E 30 -18.93 46.53 5.21
C GLN E 30 -20.10 45.98 4.39
N PRO E 31 -21.08 46.81 4.08
CA PRO E 31 -22.25 46.33 3.35
C PRO E 31 -22.02 46.27 1.86
N LEU E 32 -22.74 45.36 1.22
CA LEU E 32 -22.71 45.22 -0.22
C LEU E 32 -23.43 46.41 -0.86
N VAL E 33 -22.80 47.02 -1.86
CA VAL E 33 -23.40 48.19 -2.52
C VAL E 33 -23.63 47.99 -4.02
N LEU E 34 -22.96 47.03 -4.67
CA LEU E 34 -23.29 46.68 -6.05
C LEU E 34 -23.23 45.16 -6.22
N ALA E 35 -24.15 44.62 -7.02
CA ALA E 35 -24.13 43.20 -7.36
C ALA E 35 -24.76 43.05 -8.74
N ASN E 36 -24.02 42.48 -9.67
CA ASN E 36 -24.44 42.51 -11.07
C ASN E 36 -25.24 41.26 -11.42
N PRO E 37 -25.93 41.28 -12.55
CA PRO E 37 -26.77 40.14 -12.94
C PRO E 37 -26.05 38.81 -12.84
N PRO E 38 -24.82 38.66 -13.37
CA PRO E 38 -24.19 37.34 -13.28
C PRO E 38 -24.03 36.86 -11.85
N PHE E 39 -23.81 37.77 -10.90
CA PHE E 39 -23.73 37.35 -9.50
C PHE E 39 -25.08 36.87 -8.99
N LEU E 40 -26.14 37.61 -9.32
CA LEU E 40 -27.48 37.22 -8.86
C LEU E 40 -27.95 35.93 -9.51
N ARG E 41 -27.55 35.69 -10.75
CA ARG E 41 -27.82 34.41 -11.40
C ARG E 41 -27.26 33.27 -10.55
N MET E 42 -25.96 33.28 -10.32
CA MET E 42 -25.31 32.14 -9.69
C MET E 42 -25.82 31.89 -8.26
N THR E 43 -26.18 32.94 -7.54
CA THR E 43 -26.61 32.79 -6.16
C THR E 43 -28.11 32.62 -5.97
N GLY E 44 -28.93 33.07 -6.93
CA GLY E 44 -30.36 32.94 -6.79
C GLY E 44 -31.05 34.00 -5.96
N TYR E 45 -30.33 35.06 -5.58
CA TYR E 45 -30.93 36.16 -4.84
C TYR E 45 -31.33 37.28 -5.80
N THR E 46 -31.97 38.31 -5.25
CA THR E 46 -32.22 39.53 -6.01
C THR E 46 -31.41 40.67 -5.39
N GLU E 47 -31.17 41.69 -6.22
CA GLU E 47 -30.48 42.91 -5.79
C GLU E 47 -31.09 43.47 -4.52
N GLY E 48 -32.42 43.52 -4.47
CA GLY E 48 -33.10 44.24 -3.40
C GLY E 48 -32.94 43.64 -2.02
N GLN E 49 -32.80 42.32 -1.94
CA GLN E 49 -32.75 41.70 -0.62
C GLN E 49 -31.35 41.56 -0.07
N ILE E 50 -30.30 41.85 -0.85
CA ILE E 50 -28.95 41.56 -0.41
C ILE E 50 -28.12 42.83 -0.26
N LEU E 51 -28.47 43.87 -1.02
CA LEU E 51 -27.81 45.16 -0.84
C LEU E 51 -27.98 45.62 0.61
N GLY E 52 -26.96 46.31 1.10
CA GLY E 52 -26.93 46.72 2.48
C GLY E 52 -26.46 45.66 3.44
N PHE E 53 -26.28 44.43 2.99
CA PHE E 53 -25.89 43.32 3.85
C PHE E 53 -24.43 42.96 3.63
N ASN E 54 -23.80 42.48 4.70
CA ASN E 54 -22.46 41.92 4.57
C ASN E 54 -22.52 40.64 3.75
N CYS E 55 -21.46 40.40 2.98
CA CYS E 55 -21.46 39.28 2.05
C CYS E 55 -21.46 37.91 2.72
N ARG E 56 -21.17 37.82 4.02
CA ARG E 56 -21.08 36.50 4.61
C ARG E 56 -22.41 35.76 4.65
N PHE E 57 -23.52 36.37 4.21
CA PHE E 57 -24.82 35.70 4.25
C PHE E 57 -24.87 34.45 3.37
N LEU E 58 -23.90 34.25 2.48
CA LEU E 58 -23.84 33.02 1.69
C LEU E 58 -23.09 31.90 2.39
N GLN E 59 -22.65 32.10 3.62
CA GLN E 59 -22.13 31.02 4.42
C GLN E 59 -23.20 30.51 5.37
N ARG E 60 -22.86 29.43 6.08
CA ARG E 60 -23.61 28.98 7.24
C ARG E 60 -22.65 28.70 8.38
N GLY E 61 -23.13 28.93 9.60
CA GLY E 61 -22.54 28.52 10.87
C GLY E 61 -21.11 28.95 11.09
N ASP E 62 -20.34 28.02 11.67
CA ASP E 62 -18.93 28.24 12.04
C ASP E 62 -17.96 27.84 10.95
N GLU E 63 -18.39 27.89 9.68
CA GLU E 63 -17.62 27.35 8.58
C GLU E 63 -16.52 28.32 8.15
N ASN E 64 -15.71 27.87 7.18
CA ASN E 64 -14.82 28.73 6.40
C ASN E 64 -13.81 29.49 7.26
N ALA E 65 -13.54 28.95 8.46
CA ALA E 65 -12.86 29.72 9.50
C ALA E 65 -11.48 30.19 9.05
N GLN E 66 -10.67 29.28 8.51
CA GLN E 66 -9.34 29.69 8.04
C GLN E 66 -9.47 30.70 6.92
N ALA E 67 -10.33 30.39 5.94
CA ALA E 67 -10.53 31.30 4.82
C ALA E 67 -10.96 32.68 5.29
N ARG E 68 -11.96 32.73 6.18
CA ARG E 68 -12.44 34.03 6.65
C ARG E 68 -11.37 34.79 7.41
N ALA E 69 -10.49 34.08 8.14
CA ALA E 69 -9.38 34.75 8.81
C ALA E 69 -8.47 35.44 7.80
N ASP E 70 -8.18 34.76 6.68
CA ASP E 70 -7.35 35.35 5.62
C ASP E 70 -8.05 36.51 4.94
N ILE E 71 -9.35 36.35 4.66
CA ILE E 71 -10.15 37.44 4.11
C ILE E 71 -10.04 38.67 4.99
N ARG E 72 -10.26 38.50 6.30
CA ARG E 72 -10.21 39.63 7.23
C ARG E 72 -8.83 40.27 7.23
N ASP E 73 -7.77 39.46 7.11
CA ASP E 73 -6.42 40.00 6.88
C ASP E 73 -6.41 40.95 5.69
N ALA E 74 -6.81 40.42 4.53
CA ALA E 74 -6.69 41.16 3.28
C ALA E 74 -7.52 42.44 3.31
N LEU E 75 -8.70 42.39 3.92
CA LEU E 75 -9.55 43.58 3.96
C LEU E 75 -8.95 44.65 4.84
N LYS E 76 -8.41 44.28 5.99
CA LYS E 76 -7.80 45.25 6.89
C LYS E 76 -6.63 45.95 6.21
N LEU E 77 -5.68 45.18 5.69
CA LEU E 77 -4.51 45.74 5.03
C LEU E 77 -4.80 46.22 3.61
N GLY E 78 -5.87 45.73 2.99
CA GLY E 78 -6.17 46.12 1.62
C GLY E 78 -5.27 45.47 0.59
N ARG E 79 -5.04 44.16 0.70
CA ARG E 79 -4.33 43.43 -0.34
C ARG E 79 -5.32 42.68 -1.22
N GLU E 80 -4.87 42.35 -2.43
CA GLU E 80 -5.59 41.36 -3.23
C GLU E 80 -5.60 40.03 -2.48
N LEU E 81 -6.62 39.22 -2.75
CA LEU E 81 -6.67 37.90 -2.14
C LEU E 81 -7.63 37.05 -2.94
N GLN E 82 -7.21 35.82 -3.19
CA GLN E 82 -8.09 34.81 -3.79
C GLN E 82 -8.16 33.62 -2.84
N VAL E 83 -9.38 33.15 -2.59
CA VAL E 83 -9.60 32.08 -1.61
C VAL E 83 -10.90 31.37 -1.96
N VAL E 84 -10.96 30.06 -1.70
CA VAL E 84 -12.14 29.24 -1.96
C VAL E 84 -13.05 29.19 -0.74
N LEU E 85 -14.35 29.31 -0.99
CA LEU E 85 -15.36 29.36 0.06
C LEU E 85 -16.48 28.40 -0.29
N ARG E 86 -16.93 27.63 0.72
CA ARG E 86 -18.17 26.88 0.61
C ARG E 86 -19.33 27.84 0.82
N ASN E 87 -20.14 28.00 -0.21
CA ASN E 87 -21.26 28.93 -0.16
C ASN E 87 -22.54 28.16 -0.46
N TYR E 88 -23.67 28.86 -0.29
CA TYR E 88 -24.99 28.25 -0.37
C TYR E 88 -25.90 29.23 -1.11
N ARG E 89 -26.49 28.79 -2.22
CA ARG E 89 -27.45 29.64 -2.92
C ARG E 89 -28.69 29.85 -2.06
N ALA E 90 -29.62 30.65 -2.60
CA ALA E 90 -30.84 30.96 -1.88
C ALA E 90 -31.62 29.68 -1.57
N ASN E 91 -31.74 28.79 -2.56
CA ASN E 91 -32.42 27.51 -2.33
C ASN E 91 -31.64 26.56 -1.43
N ASP E 92 -30.44 26.95 -0.99
CA ASP E 92 -29.52 26.22 -0.11
C ASP E 92 -28.67 25.18 -0.83
N GLU E 93 -28.72 25.08 -2.16
CA GLU E 93 -27.76 24.25 -2.87
C GLU E 93 -26.35 24.69 -2.51
N PRO E 94 -25.43 23.77 -2.25
CA PRO E 94 -24.07 24.16 -1.89
C PRO E 94 -23.22 24.33 -3.14
N PHE E 95 -22.30 25.28 -3.05
CA PHE E 95 -21.31 25.39 -4.11
C PHE E 95 -20.03 25.93 -3.53
N ASP E 96 -18.92 25.48 -4.10
CA ASP E 96 -17.64 26.07 -3.75
C ASP E 96 -17.39 27.33 -4.58
N ASN E 97 -16.93 28.37 -3.91
CA ASN E 97 -16.81 29.71 -4.48
C ASN E 97 -15.36 30.18 -4.43
N LEU E 98 -14.74 30.30 -5.61
CA LEU E 98 -13.41 30.89 -5.72
C LEU E 98 -13.55 32.40 -5.74
N LEU E 99 -13.25 33.03 -4.61
CA LEU E 99 -13.48 34.45 -4.46
C LEU E 99 -12.22 35.24 -4.85
N PHE E 100 -12.37 36.14 -5.82
CA PHE E 100 -11.32 37.10 -6.17
C PHE E 100 -11.61 38.41 -5.46
N LEU E 101 -10.75 38.77 -4.51
CA LEU E 101 -10.87 40.06 -3.84
C LEU E 101 -9.87 41.03 -4.44
N HIS E 102 -10.33 42.26 -4.70
CA HIS E 102 -9.49 43.34 -5.27
C HIS E 102 -9.76 44.69 -4.63
N PRO E 103 -8.73 45.35 -4.11
CA PRO E 103 -8.88 46.72 -3.58
C PRO E 103 -9.25 47.73 -4.68
N VAL E 104 -10.18 48.64 -4.35
CA VAL E 104 -10.72 49.59 -5.30
C VAL E 104 -10.75 50.97 -4.67
N GLY E 105 -10.15 51.96 -5.35
CA GLY E 105 -10.21 53.34 -4.93
C GLY E 105 -9.32 53.62 -3.74
N GLY E 106 -9.55 54.77 -3.13
CA GLY E 106 -8.73 55.26 -2.06
C GLY E 106 -7.26 55.37 -2.45
N ARG E 107 -6.42 55.36 -1.43
CA ARG E 107 -4.99 55.27 -1.55
C ARG E 107 -4.56 53.83 -1.34
N PRO E 108 -3.35 53.45 -1.77
CA PRO E 108 -2.89 52.07 -1.52
C PRO E 108 -2.89 51.75 -0.03
N GLY E 109 -3.61 50.70 0.35
CA GLY E 109 -3.70 50.28 1.72
C GLY E 109 -4.96 50.72 2.45
N ALA E 110 -5.67 51.72 1.93
CA ALA E 110 -6.97 52.11 2.48
C ALA E 110 -7.93 52.40 1.33
N PRO E 111 -8.45 51.35 0.69
CA PRO E 111 -9.39 51.57 -0.42
C PRO E 111 -10.75 52.03 0.06
N ASP E 112 -11.42 52.80 -0.80
CA ASP E 112 -12.81 53.21 -0.55
C ASP E 112 -13.75 52.01 -0.61
N TYR E 113 -13.52 51.09 -1.55
CA TYR E 113 -14.36 49.91 -1.73
C TYR E 113 -13.47 48.69 -1.93
N PHE E 114 -14.06 47.52 -1.83
CA PHE E 114 -13.42 46.28 -2.23
C PHE E 114 -14.30 45.61 -3.28
N LEU E 115 -13.67 45.05 -4.31
CA LEU E 115 -14.38 44.34 -5.36
C LEU E 115 -14.26 42.85 -5.11
N GLY E 116 -15.36 42.14 -5.33
CA GLY E 116 -15.37 40.69 -5.21
C GLY E 116 -15.90 40.06 -6.47
N SER E 117 -15.19 39.09 -7.01
CA SER E 117 -15.63 38.34 -8.18
C SER E 117 -15.69 36.88 -7.79
N GLN E 118 -16.85 36.26 -8.01
CA GLN E 118 -17.11 34.90 -7.56
C GLN E 118 -17.06 33.96 -8.76
N PHE E 119 -16.17 32.97 -8.71
CA PHE E 119 -16.14 31.91 -9.70
C PHE E 119 -16.67 30.61 -9.10
N GLU E 120 -17.52 29.88 -9.85
CA GLU E 120 -18.20 28.68 -9.37
C GLU E 120 -17.43 27.41 -9.75
N LEU E 121 -16.91 26.71 -8.75
CA LEU E 121 -16.10 25.53 -8.99
C LEU E 121 -16.96 24.31 -9.34
N GLY E 122 -16.31 23.28 -9.85
CA GLY E 122 -16.97 22.02 -10.19
C GLY E 122 -18.13 22.13 -11.15
N ARG E 123 -17.97 22.92 -12.21
CA ARG E 123 -19.08 23.21 -13.10
C ARG E 123 -18.74 23.14 -14.58
N SER E 124 -17.48 23.16 -14.96
CA SER E 124 -17.09 23.25 -16.38
C SER E 124 -16.17 22.08 -16.74
N GLY E 125 -16.79 20.97 -17.17
CA GLY E 125 -16.06 19.78 -17.61
C GLY E 125 -15.11 19.25 -16.55
N ASN E 126 -14.02 18.65 -17.02
CA ASN E 126 -12.93 18.18 -16.16
C ASN E 126 -11.80 19.19 -16.05
N SER E 127 -11.90 20.32 -16.75
CA SER E 127 -10.84 21.33 -16.78
C SER E 127 -11.19 22.56 -15.95
N GLU E 128 -11.46 22.36 -14.66
CA GLU E 128 -11.75 23.49 -13.77
C GLU E 128 -10.57 24.45 -13.72
N GLU E 129 -9.36 23.95 -13.95
CA GLU E 129 -8.18 24.80 -13.92
C GLU E 129 -8.24 25.85 -15.03
N ALA E 130 -8.35 25.39 -16.28
CA ALA E 130 -8.55 26.29 -17.42
C ALA E 130 -9.72 27.24 -17.19
N ALA E 131 -10.84 26.71 -16.69
CA ALA E 131 -12.06 27.51 -16.58
C ALA E 131 -11.89 28.64 -15.57
N ALA E 132 -11.19 28.37 -14.46
CA ALA E 132 -10.94 29.41 -13.47
C ALA E 132 -9.91 30.42 -13.97
N ALA E 133 -8.89 29.96 -14.71
CA ALA E 133 -7.91 30.88 -15.26
C ALA E 133 -8.58 31.85 -16.23
N GLY E 134 -9.57 31.36 -16.97
CA GLY E 134 -10.32 32.24 -17.85
C GLY E 134 -11.12 33.28 -17.10
N HIS E 135 -11.60 32.93 -15.90
CA HIS E 135 -12.32 33.90 -15.09
C HIS E 135 -11.41 35.03 -14.67
N ALA E 136 -10.20 34.68 -14.22
CA ALA E 136 -9.15 35.66 -13.96
C ALA E 136 -8.90 36.54 -15.18
N GLY E 137 -8.72 35.91 -16.34
CA GLY E 137 -8.54 36.66 -17.57
C GLY E 137 -9.63 37.69 -17.80
N ALA E 138 -10.89 37.25 -17.78
CA ALA E 138 -12.00 38.18 -17.97
C ALA E 138 -12.05 39.22 -16.85
N LEU E 139 -11.81 38.79 -15.62
CA LEU E 139 -11.85 39.69 -14.47
C LEU E 139 -10.75 40.78 -14.55
N THR E 140 -9.51 40.39 -14.86
CA THR E 140 -8.48 41.42 -15.01
C THR E 140 -8.86 42.40 -16.09
N GLY E 141 -9.59 41.95 -17.11
CA GLY E 141 -10.06 42.85 -18.14
C GLY E 141 -10.99 43.90 -17.60
N GLU E 142 -11.96 43.48 -16.78
CA GLU E 142 -12.88 44.43 -16.16
C GLU E 142 -12.14 45.35 -15.23
N LEU E 143 -11.06 44.86 -14.61
CA LEU E 143 -10.31 45.66 -13.66
C LEU E 143 -9.53 46.77 -14.39
N ALA E 144 -8.98 46.45 -15.57
CA ALA E 144 -8.37 47.51 -16.38
C ALA E 144 -9.41 48.55 -16.78
N ARG E 145 -10.63 48.11 -17.09
CA ARG E 145 -11.69 49.06 -17.42
C ARG E 145 -12.04 49.94 -16.23
N ILE E 146 -11.85 49.44 -15.01
CA ILE E 146 -12.11 50.26 -13.82
C ILE E 146 -11.00 51.27 -13.58
N GLY E 147 -9.75 50.93 -13.93
CA GLY E 147 -8.61 51.76 -13.64
C GLY E 147 -7.77 51.28 -12.47
N THR E 148 -8.26 50.25 -11.76
CA THR E 148 -7.51 49.65 -10.66
C THR E 148 -6.26 48.95 -11.15
N VAL E 149 -6.29 48.41 -12.37
CA VAL E 149 -5.16 47.72 -12.97
C VAL E 149 -4.50 48.67 -13.95
N ALA E 150 -3.26 49.06 -13.68
CA ALA E 150 -2.50 49.89 -14.59
C ALA E 150 -2.40 49.22 -15.95
N ALA E 151 -2.97 49.86 -16.99
CA ALA E 151 -3.08 49.22 -18.29
C ALA E 151 -1.72 48.88 -18.89
N ARG E 152 -0.69 49.67 -18.55
CA ARG E 152 0.68 49.39 -18.99
C ARG E 152 1.25 48.15 -18.32
N LEU E 153 0.49 47.48 -17.45
CA LEU E 153 0.90 46.22 -16.85
C LEU E 153 -0.25 45.23 -16.75
N GLU E 154 -1.32 45.40 -17.55
CA GLU E 154 -2.46 44.49 -17.51
C GLU E 154 -2.09 43.08 -17.99
N MET E 155 -1.09 42.96 -18.86
CA MET E 155 -0.71 41.67 -19.40
C MET E 155 -0.18 40.74 -18.31
N ASP E 156 0.94 41.10 -17.68
CA ASP E 156 1.51 40.18 -16.70
C ASP E 156 0.70 40.13 -15.40
N SER E 157 -0.26 41.05 -15.19
CA SER E 157 -1.11 40.97 -14.02
C SER E 157 -2.23 39.96 -14.24
N ARG E 158 -2.76 39.93 -15.47
CA ARG E 158 -3.60 38.83 -15.90
C ARG E 158 -2.90 37.50 -15.70
N ARG E 159 -1.65 37.41 -16.14
CA ARG E 159 -0.88 36.19 -15.98
C ARG E 159 -0.80 35.78 -14.51
N HIS E 160 -0.53 36.73 -13.61
CA HIS E 160 -0.34 36.38 -12.21
C HIS E 160 -1.66 36.07 -11.55
N LEU E 161 -2.75 36.68 -12.00
CA LEU E 161 -4.05 36.36 -11.43
C LEU E 161 -4.55 35.02 -11.95
N ALA E 162 -4.29 34.69 -13.21
CA ALA E 162 -4.77 33.41 -13.74
C ALA E 162 -3.93 32.23 -13.25
N GLN E 163 -2.61 32.42 -13.12
CA GLN E 163 -1.79 31.36 -12.53
C GLN E 163 -2.13 31.16 -11.06
N ALA E 164 -2.46 32.25 -10.35
CA ALA E 164 -2.85 32.12 -8.96
C ALA E 164 -4.17 31.38 -8.83
N ALA E 165 -5.08 31.60 -9.79
CA ALA E 165 -6.37 30.92 -9.76
C ALA E 165 -6.23 29.45 -10.09
N ALA E 166 -5.40 29.13 -11.08
CA ALA E 166 -5.11 27.73 -11.37
C ALA E 166 -4.54 27.02 -10.15
N ALA E 167 -3.75 27.73 -9.34
CA ALA E 167 -3.11 27.14 -8.17
C ALA E 167 -4.11 26.76 -7.10
N LEU E 168 -5.23 27.47 -7.02
CA LEU E 168 -6.23 27.15 -6.03
C LEU E 168 -7.13 26.02 -6.50
N VAL E 169 -7.35 25.92 -7.81
CA VAL E 169 -8.11 24.78 -8.35
C VAL E 169 -7.39 23.48 -8.07
N ARG E 170 -6.07 23.44 -8.33
CA ARG E 170 -5.34 22.20 -8.14
C ARG E 170 -5.33 21.78 -6.67
N ALA E 171 -5.19 22.75 -5.76
CA ALA E 171 -5.28 22.45 -4.33
C ALA E 171 -6.66 21.93 -3.97
N TRP E 172 -7.70 22.49 -4.60
CA TRP E 172 -9.07 22.13 -4.29
C TRP E 172 -9.47 20.80 -4.93
N GLU E 173 -8.97 20.52 -6.13
CA GLU E 173 -9.24 19.23 -6.79
C GLU E 173 -8.45 18.12 -6.10
N MET F 1 6.65 35.36 16.56
CA MET F 1 5.63 35.91 17.46
C MET F 1 5.71 37.43 17.45
N ASP F 2 4.84 38.07 18.22
CA ASP F 2 4.89 39.52 18.32
C ASP F 2 6.07 39.95 19.18
N GLN F 3 6.52 41.19 18.95
CA GLN F 3 7.66 41.71 19.69
C GLN F 3 7.34 41.99 21.15
N LYS F 4 6.07 41.96 21.56
CA LYS F 4 5.75 42.17 22.96
C LYS F 4 6.18 40.97 23.80
N GLN F 5 5.69 39.78 23.44
CA GLN F 5 6.12 38.57 24.14
C GLN F 5 7.59 38.25 23.90
N PHE F 6 8.10 38.57 22.70
CA PHE F 6 9.53 38.38 22.44
C PHE F 6 10.38 39.23 23.36
N GLU F 7 9.97 40.48 23.61
CA GLU F 7 10.72 41.35 24.53
C GLU F 7 10.67 40.82 25.95
N LYS F 8 9.60 40.12 26.31
CA LYS F 8 9.51 39.48 27.62
C LYS F 8 10.53 38.35 27.73
N ILE F 9 10.68 37.56 26.67
CA ILE F 9 11.71 36.53 26.64
C ILE F 9 13.07 37.16 26.82
N ARG F 10 13.32 38.26 26.09
CA ARG F 10 14.58 38.98 26.20
C ARG F 10 14.83 39.44 27.63
N ALA F 11 13.80 39.98 28.29
CA ALA F 11 13.96 40.39 29.69
C ALA F 11 14.38 39.22 30.56
N VAL F 12 13.66 38.09 30.44
CA VAL F 12 13.97 36.92 31.27
C VAL F 12 15.37 36.41 30.98
N PHE F 13 15.72 36.30 29.69
CA PHE F 13 17.05 35.82 29.32
C PHE F 13 18.16 36.64 29.98
N ASP F 14 17.92 37.92 30.25
CA ASP F 14 19.04 38.75 30.66
C ASP F 14 19.27 38.70 32.17
N ARG F 15 18.20 38.65 32.96
CA ARG F 15 18.35 38.54 34.40
C ARG F 15 18.29 37.09 34.89
N SER F 16 18.31 36.14 33.96
CA SER F 16 18.33 34.73 34.33
C SER F 16 19.66 34.34 34.93
N GLY F 17 19.62 33.39 35.87
CA GLY F 17 20.81 32.81 36.47
C GLY F 17 21.40 31.61 35.77
N VAL F 18 20.82 31.17 34.64
CA VAL F 18 21.31 30.02 33.90
C VAL F 18 21.57 30.43 32.46
N ALA F 19 22.41 29.65 31.80
CA ALA F 19 22.66 29.85 30.38
C ALA F 19 21.37 29.65 29.60
N LEU F 20 21.08 30.60 28.71
CA LEU F 20 19.90 30.52 27.85
C LEU F 20 20.26 31.00 26.46
N THR F 21 19.64 30.37 25.47
CA THR F 21 19.82 30.70 24.07
C THR F 21 18.49 30.54 23.37
N LEU F 22 18.28 31.32 22.31
CA LEU F 22 17.05 31.26 21.53
C LEU F 22 17.41 31.24 20.05
N VAL F 23 16.83 30.31 19.29
CA VAL F 23 17.10 30.24 17.85
C VAL F 23 15.79 30.32 17.05
N ASP F 24 15.87 31.03 15.92
CA ASP F 24 14.75 31.20 15.01
C ASP F 24 14.51 29.91 14.23
N MET F 25 13.25 29.44 14.21
CA MET F 25 12.90 28.28 13.38
C MET F 25 12.41 28.67 11.99
N SER F 26 11.89 29.88 11.81
CA SER F 26 11.42 30.32 10.50
C SER F 26 12.52 30.25 9.45
N LEU F 27 13.78 30.39 9.88
CA LEU F 27 14.93 30.14 9.01
C LEU F 27 15.35 28.67 9.12
N PRO F 28 15.65 27.98 8.02
CA PRO F 28 16.03 26.57 8.13
C PRO F 28 17.45 26.35 8.64
N GLU F 29 18.23 27.43 8.82
CA GLU F 29 19.57 27.34 9.38
C GLU F 29 19.59 27.53 10.88
N GLN F 30 18.43 27.79 11.49
CA GLN F 30 18.27 27.94 12.92
C GLN F 30 19.32 28.87 13.52
N PRO F 31 19.28 30.16 13.20
CA PRO F 31 20.30 31.08 13.71
C PRO F 31 20.05 31.43 15.17
N LEU F 32 21.14 31.66 15.88
CA LEU F 32 21.07 32.02 17.29
C LEU F 32 20.74 33.51 17.37
N VAL F 33 19.55 33.83 17.89
CA VAL F 33 19.08 35.22 17.94
C VAL F 33 19.08 35.78 19.35
N LEU F 34 19.39 34.97 20.36
CA LEU F 34 19.44 35.45 21.73
C LEU F 34 20.42 34.58 22.49
N ALA F 35 21.41 35.21 23.12
CA ALA F 35 22.44 34.48 23.85
C ALA F 35 22.78 35.33 25.07
N ASN F 36 22.53 34.78 26.24
CA ASN F 36 22.42 35.53 27.47
C ASN F 36 23.76 35.52 28.23
N PRO F 37 23.89 36.36 29.26
CA PRO F 37 25.23 36.60 29.87
C PRO F 37 25.88 35.34 30.44
N PRO F 38 25.16 34.49 31.19
CA PRO F 38 25.84 33.29 31.71
C PRO F 38 26.35 32.37 30.60
N PHE F 39 25.64 32.29 29.48
CA PHE F 39 26.08 31.42 28.40
C PHE F 39 27.34 31.97 27.74
N LEU F 40 27.47 33.29 27.70
CA LEU F 40 28.67 33.90 27.16
C LEU F 40 29.86 33.70 28.10
N ARG F 41 29.66 33.94 29.39
CA ARG F 41 30.69 33.64 30.38
C ARG F 41 31.26 32.24 30.17
N MET F 42 30.38 31.29 29.93
CA MET F 42 30.77 29.88 29.83
C MET F 42 31.43 29.57 28.48
N THR F 43 30.91 30.16 27.41
CA THR F 43 31.49 29.92 26.08
C THR F 43 32.65 30.87 25.81
N GLY F 44 32.59 32.09 26.35
CA GLY F 44 33.64 33.07 26.11
C GLY F 44 33.46 33.87 24.85
N TYR F 45 32.23 34.11 24.42
CA TYR F 45 31.94 34.77 23.16
C TYR F 45 31.36 36.15 23.42
N THR F 46 31.33 36.96 22.38
CA THR F 46 30.55 38.20 22.42
C THR F 46 29.25 37.96 21.67
N GLU F 47 28.25 38.76 22.02
CA GLU F 47 26.96 38.71 21.34
C GLU F 47 27.17 38.78 19.83
N GLY F 48 27.86 39.83 19.37
CA GLY F 48 28.08 40.02 17.94
C GLY F 48 28.94 38.96 17.31
N GLN F 49 29.66 38.17 18.11
CA GLN F 49 30.51 37.14 17.54
C GLN F 49 29.72 35.93 17.06
N ILE F 50 28.58 35.61 17.69
CA ILE F 50 27.83 34.40 17.34
C ILE F 50 26.37 34.65 17.00
N LEU F 51 25.80 35.80 17.34
CA LEU F 51 24.41 36.08 16.99
C LEU F 51 24.24 35.95 15.48
N GLY F 52 23.16 35.28 15.07
CA GLY F 52 22.95 35.03 13.66
C GLY F 52 23.65 33.79 13.13
N PHE F 53 24.58 33.21 13.88
CA PHE F 53 25.15 31.91 13.58
C PHE F 53 24.35 30.80 14.29
N ASN F 54 24.48 29.57 13.81
CA ASN F 54 23.83 28.44 14.45
C ASN F 54 24.83 27.69 15.32
N CYS F 55 24.31 27.10 16.40
CA CYS F 55 25.14 26.70 17.54
C CYS F 55 26.06 25.52 17.27
N ARG F 56 26.37 25.23 16.00
CA ARG F 56 27.33 24.17 15.70
C ARG F 56 28.75 24.56 16.13
N PHE F 57 29.06 25.86 16.18
CA PHE F 57 30.41 26.33 16.43
C PHE F 57 30.98 25.84 17.74
N LEU F 58 30.13 25.33 18.64
CA LEU F 58 30.59 24.76 19.90
C LEU F 58 31.13 23.35 19.72
N GLN F 59 30.69 22.61 18.71
CA GLN F 59 31.37 21.39 18.32
C GLN F 59 32.59 21.71 17.45
N ARG F 60 33.36 20.66 17.16
CA ARG F 60 34.39 20.70 16.14
C ARG F 60 34.37 19.37 15.39
N GLY F 61 34.35 19.43 14.07
CA GLY F 61 34.42 18.23 13.26
C GLY F 61 33.19 17.35 13.29
N ASP F 62 33.17 16.33 12.44
CA ASP F 62 32.01 15.45 12.25
C ASP F 62 31.72 14.60 13.49
N GLU F 63 32.51 14.80 14.54
CA GLU F 63 32.29 14.05 15.78
C GLU F 63 30.89 14.33 16.32
N ASN F 64 30.54 13.58 17.36
CA ASN F 64 29.35 13.85 18.16
C ASN F 64 28.07 13.54 17.41
N ALA F 65 28.15 12.85 16.26
CA ALA F 65 26.98 12.69 15.39
C ALA F 65 25.88 11.88 16.03
N GLN F 66 26.21 10.99 16.98
CA GLN F 66 25.19 10.13 17.58
C GLN F 66 24.16 10.97 18.35
N ALA F 67 24.62 11.86 19.21
CA ALA F 67 23.72 12.68 19.99
C ALA F 67 23.07 13.78 19.16
N ARG F 68 23.78 14.28 18.14
CA ARG F 68 23.18 15.23 17.21
C ARG F 68 22.02 14.59 16.45
N ALA F 69 22.03 13.26 16.32
CA ALA F 69 20.91 12.58 15.67
C ALA F 69 19.61 12.88 16.39
N ASP F 70 19.58 12.62 17.69
CA ASP F 70 18.38 12.91 18.48
C ASP F 70 18.08 14.40 18.46
N ILE F 71 19.11 15.25 18.43
CA ILE F 71 18.88 16.69 18.41
C ILE F 71 18.03 17.07 17.20
N ARG F 72 18.53 16.79 16.00
CA ARG F 72 17.79 17.14 14.79
C ARG F 72 16.38 16.56 14.80
N ASP F 73 16.19 15.39 15.40
CA ASP F 73 14.90 14.72 15.32
C ASP F 73 13.84 15.45 16.15
N ALA F 74 14.20 15.92 17.34
CA ALA F 74 13.22 16.63 18.14
C ALA F 74 12.91 18.02 17.57
N LEU F 75 13.92 18.66 16.96
CA LEU F 75 13.72 19.94 16.28
C LEU F 75 12.64 19.86 15.21
N LYS F 76 12.47 18.70 14.57
CA LYS F 76 11.47 18.55 13.52
C LYS F 76 10.08 18.33 14.12
N LEU F 77 9.98 17.45 15.11
CA LEU F 77 8.70 17.19 15.76
C LEU F 77 8.32 18.27 16.77
N GLY F 78 9.20 19.23 17.05
CA GLY F 78 8.92 20.27 18.01
C GLY F 78 8.80 19.72 19.42
N ARG F 79 9.77 18.91 19.84
CA ARG F 79 9.72 18.24 21.13
C ARG F 79 10.88 18.68 22.02
N GLU F 80 10.67 18.57 23.33
CA GLU F 80 11.75 18.80 24.26
C GLU F 80 12.83 17.73 24.08
N LEU F 81 14.01 18.03 24.61
CA LEU F 81 15.12 17.11 24.54
C LEU F 81 16.17 17.52 25.56
N GLN F 82 16.82 16.51 26.14
CA GLN F 82 18.02 16.68 26.96
C GLN F 82 19.07 15.74 26.39
N VAL F 83 20.27 16.25 26.17
CA VAL F 83 21.29 15.43 25.52
C VAL F 83 22.67 16.01 25.80
N VAL F 84 23.54 15.20 26.39
CA VAL F 84 24.92 15.60 26.62
C VAL F 84 25.68 15.50 25.30
N LEU F 85 26.62 16.40 25.10
CA LEU F 85 27.34 16.44 23.84
C LEU F 85 28.67 17.16 24.03
N ARG F 86 29.64 16.79 23.20
CA ARG F 86 31.01 17.29 23.33
C ARG F 86 31.13 18.65 22.67
N ASN F 87 31.60 19.63 23.43
CA ASN F 87 31.73 21.01 22.95
C ASN F 87 33.08 21.59 23.33
N TYR F 88 33.39 22.75 22.75
CA TYR F 88 34.64 23.46 23.00
C TYR F 88 34.38 24.96 23.06
N ARG F 89 35.16 25.65 23.88
CA ARG F 89 34.92 27.07 24.13
C ARG F 89 35.53 27.93 23.02
N ALA F 90 35.52 29.25 23.26
CA ALA F 90 36.20 30.18 22.36
C ALA F 90 37.67 29.81 22.20
N ASN F 91 38.36 29.63 23.33
CA ASN F 91 39.78 29.34 23.44
C ASN F 91 40.16 27.95 22.93
N ASP F 92 39.19 27.16 22.47
CA ASP F 92 39.30 25.80 21.94
C ASP F 92 39.27 24.72 23.02
N GLU F 93 39.46 25.05 24.30
CA GLU F 93 39.56 24.00 25.31
C GLU F 93 38.21 23.29 25.45
N PRO F 94 38.22 22.00 25.78
CA PRO F 94 37.01 21.20 25.70
C PRO F 94 36.20 21.25 27.00
N PHE F 95 35.02 20.62 26.93
CA PHE F 95 34.08 20.46 28.03
C PHE F 95 32.88 19.67 27.49
N ASP F 96 32.03 19.22 28.40
CA ASP F 96 30.83 18.48 28.06
C ASP F 96 29.59 19.28 28.45
N ASN F 97 28.60 19.29 27.56
CA ASN F 97 27.44 20.16 27.66
C ASN F 97 26.17 19.34 27.83
N LEU F 98 25.48 19.52 28.95
CA LEU F 98 24.13 18.98 29.14
C LEU F 98 23.15 20.02 28.62
N LEU F 99 22.79 19.91 27.34
CA LEU F 99 21.92 20.88 26.69
C LEU F 99 20.45 20.51 26.91
N PHE F 100 19.65 21.49 27.32
CA PHE F 100 18.22 21.34 27.40
C PHE F 100 17.58 22.08 26.23
N LEU F 101 16.61 21.44 25.59
CA LEU F 101 15.94 22.03 24.44
C LEU F 101 14.46 22.14 24.74
N HIS F 102 13.90 23.33 24.50
CA HIS F 102 12.49 23.55 24.74
C HIS F 102 11.87 24.38 23.62
N PRO F 103 10.77 23.92 23.04
CA PRO F 103 10.11 24.69 21.99
C PRO F 103 9.37 25.88 22.58
N VAL F 104 9.35 26.97 21.82
CA VAL F 104 8.82 28.25 22.28
C VAL F 104 7.94 28.83 21.18
N GLY F 105 6.74 29.28 21.56
CA GLY F 105 5.87 29.96 20.63
C GLY F 105 5.45 29.12 19.43
N GLY F 106 4.67 29.71 18.54
CA GLY F 106 4.07 28.94 17.48
C GLY F 106 3.05 27.96 18.04
N ARG F 107 2.69 26.98 17.22
CA ARG F 107 1.76 25.93 17.61
C ARG F 107 2.52 24.68 18.04
N PRO F 108 1.87 23.79 18.79
CA PRO F 108 2.49 22.49 19.10
C PRO F 108 2.99 21.79 17.84
N GLY F 109 4.28 21.44 17.87
CA GLY F 109 4.93 20.76 16.76
C GLY F 109 5.62 21.70 15.79
N ALA F 110 5.14 22.94 15.69
CA ALA F 110 5.68 23.93 14.77
C ALA F 110 6.12 25.16 15.57
N PRO F 111 7.22 25.04 16.32
CA PRO F 111 7.58 26.12 17.22
C PRO F 111 8.12 27.30 16.44
N ASP F 112 7.86 28.50 16.97
CA ASP F 112 8.49 29.71 16.41
C ASP F 112 9.99 29.71 16.68
N TYR F 113 10.39 29.52 17.94
CA TYR F 113 11.79 29.47 18.35
C TYR F 113 12.03 28.22 19.18
N PHE F 114 13.31 27.89 19.36
CA PHE F 114 13.73 26.88 20.31
C PHE F 114 14.64 27.52 21.34
N LEU F 115 14.33 27.28 22.60
CA LEU F 115 15.16 27.70 23.71
C LEU F 115 16.17 26.61 24.00
N GLY F 116 17.38 27.01 24.32
CA GLY F 116 18.42 26.08 24.70
C GLY F 116 19.10 26.55 25.96
N SER F 117 19.40 25.62 26.84
CA SER F 117 19.99 25.93 28.14
C SER F 117 21.18 25.01 28.36
N GLN F 118 22.31 25.61 28.73
CA GLN F 118 23.59 24.92 28.77
C GLN F 118 24.04 24.76 30.20
N PHE F 119 24.31 23.52 30.60
CA PHE F 119 24.89 23.18 31.88
C PHE F 119 26.24 22.50 31.65
N GLU F 120 27.29 23.09 32.18
CA GLU F 120 28.63 22.54 32.01
C GLU F 120 28.89 21.49 33.09
N LEU F 121 29.42 20.34 32.66
CA LEU F 121 29.73 19.27 33.58
C LEU F 121 31.17 19.42 34.10
N GLY F 122 31.50 18.61 35.10
CA GLY F 122 32.81 18.63 35.71
C GLY F 122 33.13 19.86 36.51
N ARG F 123 32.13 20.73 36.74
CA ARG F 123 32.37 22.05 37.32
C ARG F 123 31.94 22.15 38.78
N SER F 124 31.01 21.32 39.23
CA SER F 124 30.39 21.49 40.55
C SER F 124 30.62 20.24 41.40
N GLY F 125 31.83 20.11 41.94
CA GLY F 125 32.12 19.14 43.01
C GLY F 125 31.96 17.68 42.60
N ASN F 126 31.77 16.85 43.63
CA ASN F 126 31.64 15.41 43.43
C ASN F 126 30.25 15.03 42.95
N SER F 127 29.20 15.63 43.52
CA SER F 127 27.83 15.33 43.10
C SER F 127 27.44 16.30 42.00
N GLU F 128 27.82 15.95 40.76
CA GLU F 128 27.30 16.67 39.61
C GLU F 128 25.81 16.39 39.41
N GLU F 129 25.32 15.26 39.91
CA GLU F 129 23.91 14.94 39.81
C GLU F 129 23.07 16.02 40.48
N ALA F 130 23.43 16.41 41.71
CA ALA F 130 22.71 17.49 42.37
C ALA F 130 22.77 18.79 41.56
N ALA F 131 23.91 19.05 40.91
CA ALA F 131 24.07 20.33 40.21
C ALA F 131 23.25 20.35 38.93
N ALA F 132 23.28 19.27 38.15
CA ALA F 132 22.51 19.26 36.92
C ALA F 132 21.01 19.35 37.19
N ALA F 133 20.55 18.67 38.24
CA ALA F 133 19.13 18.74 38.60
C ALA F 133 18.77 20.11 39.13
N GLY F 134 19.67 20.72 39.92
CA GLY F 134 19.47 22.10 40.33
C GLY F 134 19.35 23.03 39.15
N HIS F 135 20.13 22.77 38.10
CA HIS F 135 19.98 23.53 36.86
C HIS F 135 18.57 23.32 36.29
N ALA F 136 18.13 22.07 36.25
CA ALA F 136 16.80 21.77 35.74
C ALA F 136 15.74 22.58 36.47
N GLY F 137 15.83 22.63 37.80
CA GLY F 137 14.88 23.42 38.57
C GLY F 137 14.89 24.88 38.18
N ALA F 138 16.09 25.50 38.19
CA ALA F 138 16.22 26.90 37.81
C ALA F 138 15.68 27.13 36.40
N LEU F 139 16.06 26.26 35.46
CA LEU F 139 15.55 26.34 34.10
C LEU F 139 14.02 26.26 34.05
N THR F 140 13.45 25.35 34.84
CA THR F 140 11.99 25.19 34.86
C THR F 140 11.32 26.48 35.25
N GLY F 141 11.90 27.20 36.22
CA GLY F 141 11.33 28.46 36.65
C GLY F 141 11.33 29.52 35.55
N GLU F 142 12.34 29.47 34.67
CA GLU F 142 12.40 30.43 33.58
C GLU F 142 11.41 30.08 32.48
N LEU F 143 11.31 28.80 32.12
CA LEU F 143 10.28 28.38 31.17
C LEU F 143 8.89 28.81 31.63
N ALA F 144 8.66 28.83 32.94
CA ALA F 144 7.35 29.24 33.44
C ALA F 144 7.17 30.74 33.29
N ARG F 145 8.22 31.53 33.54
CA ARG F 145 8.10 32.97 33.36
C ARG F 145 7.99 33.33 31.88
N ILE F 146 8.53 32.51 30.98
CA ILE F 146 8.29 32.74 29.56
C ILE F 146 6.81 32.57 29.24
N GLY F 147 6.21 31.50 29.75
CA GLY F 147 4.83 31.16 29.45
C GLY F 147 4.65 29.92 28.61
N THR F 148 5.72 29.17 28.33
CA THR F 148 5.61 27.93 27.59
C THR F 148 5.29 26.76 28.51
N VAL F 149 5.73 26.82 29.77
CA VAL F 149 5.35 25.86 30.80
C VAL F 149 4.22 26.48 31.63
N ALA F 150 3.13 25.74 31.79
CA ALA F 150 1.98 26.25 32.53
C ALA F 150 2.31 26.41 34.01
N ALA F 151 1.47 27.18 34.71
CA ALA F 151 1.68 27.42 36.14
C ALA F 151 1.35 26.19 36.97
N ARG F 152 0.15 25.63 36.78
CA ARG F 152 -0.28 24.44 37.52
C ARG F 152 0.50 23.19 37.14
N LEU F 153 1.32 23.26 36.09
CA LEU F 153 2.14 22.13 35.66
C LEU F 153 3.61 22.30 36.02
N GLU F 154 3.99 23.38 36.72
CA GLU F 154 5.41 23.66 36.92
C GLU F 154 6.07 22.60 37.79
N MET F 155 5.46 22.29 38.95
CA MET F 155 6.09 21.34 39.87
C MET F 155 6.26 19.96 39.22
N ASP F 156 5.29 19.53 38.40
CA ASP F 156 5.45 18.29 37.66
C ASP F 156 6.56 18.41 36.61
N SER F 157 6.56 19.50 35.85
CA SER F 157 7.64 19.76 34.89
C SER F 157 9.01 19.68 35.57
N ARG F 158 9.15 20.36 36.70
CA ARG F 158 10.44 20.44 37.37
C ARG F 158 10.89 19.06 37.85
N ARG F 159 10.03 18.34 38.56
CA ARG F 159 10.39 17.01 39.04
C ARG F 159 10.88 16.13 37.89
N HIS F 160 10.15 16.15 36.79
CA HIS F 160 10.53 15.30 35.66
C HIS F 160 11.78 15.79 34.95
N LEU F 161 11.92 17.12 34.77
CA LEU F 161 13.14 17.64 34.16
C LEU F 161 14.37 17.30 35.01
N ALA F 162 14.29 17.57 36.33
CA ALA F 162 15.38 17.20 37.23
C ALA F 162 15.76 15.73 37.10
N GLN F 163 14.77 14.84 37.14
CA GLN F 163 15.02 13.41 37.01
C GLN F 163 15.79 13.09 35.73
N ALA F 164 15.34 13.63 34.59
CA ALA F 164 16.00 13.34 33.32
C ALA F 164 17.44 13.83 33.30
N ALA F 165 17.72 14.94 33.97
CA ALA F 165 19.08 15.44 34.03
C ALA F 165 19.99 14.48 34.78
N ALA F 166 19.61 14.13 36.02
CA ALA F 166 20.41 13.18 36.79
C ALA F 166 20.59 11.86 36.05
N ALA F 167 19.52 11.37 35.42
CA ALA F 167 19.63 10.22 34.54
C ALA F 167 20.76 10.40 33.54
N LEU F 168 20.73 11.51 32.80
CA LEU F 168 21.76 11.76 31.79
C LEU F 168 23.14 11.88 32.40
N VAL F 169 23.25 12.49 33.59
CA VAL F 169 24.55 12.63 34.23
C VAL F 169 25.10 11.26 34.63
N ARG F 170 24.22 10.36 35.08
CA ARG F 170 24.68 9.04 35.52
C ARG F 170 25.27 8.25 34.35
N ALA F 171 24.57 8.22 33.21
CA ALA F 171 25.09 7.49 32.06
C ALA F 171 26.43 8.06 31.60
N TRP F 172 26.55 9.40 31.63
CA TRP F 172 27.79 10.05 31.22
C TRP F 172 28.94 9.70 32.17
N GLU F 173 28.65 9.60 33.46
CA GLU F 173 29.69 9.29 34.44
C GLU F 173 30.29 7.90 34.25
N ARG F 174 29.74 7.10 33.34
CA ARG F 174 30.28 5.76 33.05
C ARG F 174 31.30 5.84 31.92
N ARG F 175 32.30 6.70 32.12
CA ARG F 175 33.37 6.90 31.14
C ARG F 175 34.51 5.90 31.34
N1 FMN G . -29.54 -21.74 3.28
C2 FMN G . -30.52 -20.81 3.59
O2 FMN G . -31.56 -20.74 2.93
N3 FMN G . -30.31 -19.95 4.64
C4 FMN G . -29.16 -20.01 5.39
O4 FMN G . -29.04 -19.21 6.33
C4A FMN G . -28.16 -20.94 5.08
N5 FMN G . -26.99 -21.02 5.80
C5A FMN G . -26.06 -21.98 5.46
C6 FMN G . -24.89 -22.05 6.18
C7 FMN G . -23.91 -22.98 5.88
C7M FMN G . -22.68 -23.02 6.74
C8 FMN G . -24.09 -23.85 4.82
C8M FMN G . -23.00 -24.84 4.53
C9 FMN G . -25.29 -23.80 4.07
C9A FMN G . -26.27 -22.84 4.39
N10 FMN G . -27.41 -22.73 3.67
C10 FMN G . -28.37 -21.80 4.01
C1' FMN G . -27.67 -23.59 2.46
C2' FMN G . -28.43 -24.87 2.58
O2' FMN G . -28.03 -25.54 3.75
C3' FMN G . -28.08 -25.64 1.30
O3' FMN G . -26.68 -25.85 1.18
C4' FMN G . -28.55 -24.92 0.03
O4' FMN G . -29.94 -24.68 0.13
C5' FMN G . -28.23 -25.66 -1.27
O5' FMN G . -28.47 -27.03 -1.10
P FMN G . -29.88 -27.69 -1.67
O1P FMN G . -29.65 -29.17 -1.75
O2P FMN G . -30.92 -27.25 -0.69
O3P FMN G . -30.28 -27.10 -3.00
CL CL H . -37.01 -26.24 21.45
CL CL I . -31.77 -32.17 7.09
CL CL J . -25.55 -32.64 14.04
CL CL K . -36.32 -28.39 -4.38
CL CL L . -12.96 -23.33 -7.94
CL CL M . -31.91 -9.94 14.48
C8 SPD N . -8.31 -26.42 11.76
C9 SPD N . -7.85 -27.87 11.64
N10 SPD N . -8.42 -28.56 10.48
N1 SPD O . -5.73 -21.90 7.38
C2 SPD O . -5.97 -21.59 5.98
C3 SPD O . -6.39 -20.13 5.80
C4 SPD O . -6.48 -19.80 4.31
C5 SPD O . -7.63 -18.87 3.96
N6 SPD O . -7.87 -18.95 2.52
C7 SPD O . -8.50 -17.74 1.99
C8 SPD O . -8.85 -17.94 0.51
C9 SPD O . -9.27 -16.62 -0.16
N10 SPD O . -9.52 -16.83 -1.58
N1 FMN P . 5.66 -28.08 -0.46
C2 FMN P . 5.23 -29.24 -1.08
O2 FMN P . 5.10 -30.27 -0.42
N3 FMN P . 5.00 -29.23 -2.43
C4 FMN P . 5.19 -28.08 -3.16
O4 FMN P . 4.96 -28.10 -4.38
C4A FMN P . 5.61 -26.90 -2.53
N5 FMN P . 5.80 -25.74 -3.23
C5A FMN P . 6.21 -24.61 -2.57
C6 FMN P . 6.39 -23.45 -3.31
C7 FMN P . 6.82 -22.28 -2.70
C7M FMN P . 7.01 -21.04 -3.56
C8 FMN P . 7.08 -22.27 -1.33
C8M FMN P . 7.54 -21.01 -0.67
C9 FMN P . 6.91 -23.44 -0.58
C9A FMN P . 6.47 -24.61 -1.20
N10 FMN P . 6.28 -25.80 -0.49
C10 FMN P . 5.85 -26.92 -1.17
C1' FMN P . 6.56 -25.94 0.97
C2' FMN P . 5.55 -25.41 1.94
O2' FMN P . 4.81 -24.30 1.45
C3' FMN P . 6.28 -25.00 3.21
O3' FMN P . 7.15 -23.93 2.99
C4' FMN P . 7.17 -26.06 3.82
O4' FMN P . 6.47 -27.28 3.98
C5' FMN P . 7.52 -25.35 5.12
O5' FMN P . 7.94 -26.20 6.12
P FMN P . 6.82 -26.67 7.20
O1P FMN P . 5.79 -27.40 6.38
O2P FMN P . 7.61 -27.59 8.07
O3P FMN P . 6.21 -25.47 7.91
CL CL Q . 21.07 -18.23 -3.08
NA NA R . 0.69 -33.30 -15.37
C5 SPD S . 10.87 -17.63 6.73
N6 SPD S . 10.68 -16.25 7.15
C7 SPD S . 10.88 -15.31 6.05
C8 SPD S . 11.30 -13.93 6.57
C9 SPD S . 12.49 -13.42 5.76
N1 FMN T . 25.77 -26.37 -39.99
C2 FMN T . 26.79 -26.15 -39.10
O2 FMN T . 27.89 -26.64 -39.32
N3 FMN T . 26.59 -25.38 -37.96
C4 FMN T . 25.35 -24.84 -37.71
O4 FMN T . 25.19 -24.15 -36.70
C4A FMN T . 24.29 -25.06 -38.61
N5 FMN T . 23.05 -24.51 -38.39
C5A FMN T . 22.02 -24.75 -39.29
C6 FMN T . 20.79 -24.20 -39.04
C7 FMN T . 19.73 -24.41 -39.90
C7M FMN T . 18.39 -23.78 -39.58
C8 FMN T . 19.92 -25.19 -41.05
C8M FMN T . 18.77 -25.43 -41.99
C9 FMN T . 21.18 -25.76 -41.31
C9A FMN T . 22.23 -25.54 -40.42
N10 FMN T . 23.49 -26.08 -40.65
C10 FMN T . 24.52 -25.84 -39.75
C1' FMN T . 23.78 -26.97 -41.82
C2' FMN T . 24.20 -26.32 -43.13
O2' FMN T . 23.49 -25.12 -43.35
C3' FMN T . 23.94 -27.36 -44.21
O3' FMN T . 22.55 -27.49 -44.42
C4' FMN T . 24.56 -28.71 -43.85
O4' FMN T . 25.96 -28.57 -43.63
C5' FMN T . 24.33 -29.83 -44.89
O5' FMN T . 24.48 -29.37 -46.22
P FMN T . 25.85 -29.58 -47.06
O1P FMN T . 25.50 -29.32 -48.50
O2P FMN T . 26.86 -28.56 -46.56
O3P FMN T . 26.41 -30.97 -46.94
CL CL U . 3.87 -30.40 -50.55
CL CL V . 3.31 -20.91 -41.82
CL CL W . -2.48 -27.42 -47.04
NA NA X . 3.34 -21.44 -47.00
N1 FMN Y . -4.76 13.23 14.17
C2 FMN Y . -4.19 12.76 12.99
O2 FMN Y . -3.74 13.55 12.15
N3 FMN Y . -4.10 11.40 12.74
C4 FMN Y . -4.58 10.50 13.68
O4 FMN Y . -4.49 9.29 13.42
C4A FMN Y . -5.15 10.96 14.86
N5 FMN Y . -5.64 10.08 15.81
C5A FMN Y . -6.21 10.52 16.98
C6 FMN Y . -6.69 9.60 17.91
C7 FMN Y . -7.25 10.04 19.10
C7M FMN Y . -7.78 9.04 20.09
C8 FMN Y . -7.36 11.40 19.35
C8M FMN Y . -7.98 11.89 20.62
C9 FMN Y . -6.87 12.32 18.41
C9A FMN Y . -6.30 11.89 17.22
N10 FMN Y . -5.79 12.78 16.29
C10 FMN Y . -5.24 12.33 15.10
C1' FMN Y . -5.91 14.26 16.50
C2' FMN Y . -4.80 14.98 17.28
O2' FMN Y . -4.29 14.21 18.36
C3' FMN Y . -5.41 16.28 17.79
O3' FMN Y . -6.29 16.01 18.87
C4' FMN Y . -6.12 17.06 16.66
O4' FMN Y . -5.26 17.28 15.56
C5' FMN Y . -6.59 18.43 17.12
O5' FMN Y . -5.46 18.98 17.76
P FMN Y . -4.74 20.36 17.37
O1P FMN Y . -4.74 21.18 18.65
O2P FMN Y . -3.33 19.97 16.96
O3P FMN Y . -5.45 21.11 16.25
CL CL Z . -21.63 11.20 20.63
CL CL AA . -26.88 -5.17 26.09
NA NA BA . -8.52 2.79 0.92
N1 FMN CA . -18.04 35.82 1.63
C2 FMN CA . -18.66 34.71 1.07
O2 FMN CA . -18.91 33.74 1.78
N3 FMN CA . -18.99 34.66 -0.27
C4 FMN CA . -18.69 35.75 -1.07
O4 FMN CA . -18.98 35.73 -2.27
C4A FMN CA . -18.07 36.86 -0.52
N5 FMN CA . -17.80 37.93 -1.34
C5A FMN CA . -17.20 39.04 -0.81
C6 FMN CA . -16.94 40.10 -1.67
C7 FMN CA . -16.33 41.24 -1.19
C7M FMN CA . -16.05 42.36 -2.16
C8 FMN CA . -15.98 41.32 0.17
C8M FMN CA . -15.31 42.56 0.69
C9 FMN CA . -16.24 40.27 1.03
C9A FMN CA . -16.86 39.11 0.54
N10 FMN CA . -17.16 38.04 1.38
C10 FMN CA . -17.74 36.91 0.83
C1' FMN CA . -16.75 38.05 2.83
C2' FMN CA . -17.68 38.49 3.92
O2' FMN CA . -18.31 39.70 3.58
C3' FMN CA . -16.82 38.71 5.17
O3' FMN CA . -15.94 39.79 4.95
C4' FMN CA . -15.98 37.48 5.54
O4' FMN CA . -16.81 36.41 5.91
C5' FMN CA . -15.09 37.80 6.73
O5' FMN CA . -15.93 38.36 7.71
P FMN CA . -16.32 37.51 9.02
O1P FMN CA . -15.73 38.21 10.22
O2P FMN CA . -17.81 37.45 9.18
O3P FMN CA . -15.81 36.09 8.82
CL CL DA . -3.83 33.87 12.00
N6 SPD EA . -1.80 43.55 -2.52
C7 SPD EA . -1.43 42.67 -3.61
C8 SPD EA . -0.76 41.41 -3.08
C9 SPD EA . -0.07 40.69 -4.24
N1 SPD FA . 1.32 37.56 7.40
C2 SPD FA . 0.04 37.39 6.73
C3 SPD FA . 0.25 36.50 5.52
C4 SPD FA . -1.05 35.75 5.19
C5 SPD FA . -1.19 34.52 6.09
N6 SPD FA . -1.75 33.42 5.32
C7 SPD FA . -2.01 32.29 6.21
C8 SPD FA . -0.94 31.21 6.06
C9 SPD FA . 0.22 31.46 7.01
N10 SPD FA . -0.26 31.93 8.30
N1 FMN GA . 24.75 22.41 19.87
C2 FMN GA . 25.88 22.40 20.67
O2 FMN GA . 26.84 21.72 20.35
N3 FMN GA . 25.95 23.18 21.82
C4 FMN GA . 24.87 23.96 22.19
O4 FMN GA . 24.94 24.65 23.22
C4A FMN GA . 23.73 23.97 21.39
N5 FMN GA . 22.64 24.76 21.75
C5A FMN GA . 21.50 24.77 20.95
C6 FMN GA . 20.41 25.57 21.30
C7 FMN GA . 19.27 25.57 20.51
C7M FMN GA . 18.08 26.40 20.87
C8 FMN GA . 19.23 24.79 19.35
C8M FMN GA . 18.01 24.78 18.49
C9 FMN GA . 20.32 24.00 19.00
C9A FMN GA . 21.46 23.99 19.81
N10 FMN GA . 22.55 23.21 19.45
C10 FMN GA . 23.68 23.20 20.24
C1' FMN GA . 22.51 22.36 18.22
C2' FMN GA . 22.94 23.08 16.96
O2' FMN GA . 22.52 24.43 16.95
C3' FMN GA . 22.26 22.37 15.79
O3' FMN GA . 20.91 22.74 15.76
C4' FMN GA . 22.39 20.86 15.92
O4' FMN GA . 23.75 20.48 16.05
C5' FMN GA . 21.83 20.22 14.67
O5' FMN GA . 22.71 19.21 14.25
P FMN GA . 23.40 19.31 12.81
O1P FMN GA . 24.73 20.01 12.99
O2P FMN GA . 23.60 17.91 12.26
O3P FMN GA . 22.53 20.11 11.87
#